data_2R7T
#
_entry.id   2R7T
#
_cell.length_a   76.646
_cell.length_b   112.531
_cell.length_c   143.581
_cell.angle_alpha   90.000
_cell.angle_beta   90.000
_cell.angle_gamma   90.000
#
_symmetry.space_group_name_H-M   'P 21 21 21'
#
loop_
_entity.id
_entity.type
_entity.pdbx_description
1 polymer "RNA (5'-R(*UP*GP*UP*GP*AP*AP*CP*C)-3')"
2 polymer 'RNA-dependent RNA polymerase'
#
loop_
_entity_poly.entity_id
_entity_poly.type
_entity_poly.pdbx_seq_one_letter_code
_entity_poly.pdbx_strand_id
1 'polyribonucleotide' UGUGAACC X
2 'polypeptide(L)'
;MGKYNLILSEYLSFIYNSQSAVQIPIYYSSNSELENRCIEFHSKCLENSKNGLSLRKLFVEYNDVIENATLLSILSYSYD
KYNAVERKLVKYAKGKPLEADLTVNELDYENNKMTSELFPTAEEYTDSLMDPAILTSLSSNLNAVMFWLEKHENDVAEKL
KVYKRRLDLFTIVASTINKYGVPRHNAKYRYEYDVMKDKPYYLVTWANSSIEMLMSVFSHDDYLIAKELIVLSYSNRSTL
AKLVSSPMSILVALVDINGTFITNEELELEFSNKYVRAIVPDQTFDELNQMLDNMRKAGLVDIPKMIQDWLVDRSIEKFP
LMAKIYSWSFHVGFRKQKMLDAALDQLKTEYTENVDDEMYREYTMLIRDEVVKMLEEPVKHDDHLLRDSELAGLLSMSSA
SNGESRQLKFGRKTIFSTKKNMHVMDDMANERYTPGIIPPVNVDKPIPLGRRDVPGRRTRIIFILPYEYFIAQHAVVEKM
LIYAKHTREYAEFYSQSNQLLSYGDVTRFLSNNTMVLYTDVSQWDSSQHNTQPFRKGIIMGLDILANMTNDAKVLQTLNL
YKQTQINLMDSYVQIPDGNVIKKIQYGAVASGEKQTKAANSIANLALIKTVLSRISNKHSFATKIIRVDGDDNYAVLQFN
TEVTKQMIQDVSNDVRETYARMNAKVKALVSTVGIEIAKRYIAGGKIFFRAGINLLNNEKRGQSTQWDQAAILYSNYIVN
RLRGFETDREFILTKIMQMTSVAITGSLRLFPSERVLTTNSTFKVFDSEDFIIEYGTTVDEVYIQRAFMSLSSQKSGIAD
EIAASSTFKNYVTRLSEQLLFSKNNIVSRGIALTEKAKLNSYAPISLEKRRAQISALLTMLQKPVTFKSSKITINDILRD
IKPFFTVSDAHLPIQYQKFMPTLPDNVQYIIQCIGSRTYQIEDDGSKSAISRLISKYSVYKPSIEELYKVISLHENEIQL
YLISLGIPKIDADTYVGSKIYSRDKYRILESYVYNLLSINYGCYQLFDFNSPDLEKLIRIPFKGKIPAVTFILHLYAKLE
VINYAIKNGSWISLFCNYPKSEMIKLWKKMWNITSLRSPYTNANFFQEPHHHHHH
;
A
#
loop_
_chem_comp.id
_chem_comp.type
_chem_comp.name
_chem_comp.formula
A RNA linking ADENOSINE-5'-MONOPHOSPHATE 'C10 H14 N5 O7 P'
C RNA linking CYTIDINE-5'-MONOPHOSPHATE 'C9 H14 N3 O8 P'
G RNA linking GUANOSINE-5'-MONOPHOSPHATE 'C10 H14 N5 O8 P'
U RNA linking URIDINE-5'-MONOPHOSPHATE 'C9 H13 N2 O9 P'
#
# COMPACT_ATOMS: atom_id res chain seq x y z
N GLY B 2 20.53 3.34 -17.77
CA GLY B 2 20.48 4.63 -18.54
C GLY B 2 19.56 4.56 -19.75
N LYS B 3 19.05 3.36 -20.04
CA LYS B 3 18.17 3.15 -21.18
C LYS B 3 16.87 3.96 -21.15
N TYR B 4 16.51 4.50 -20.00
CA TYR B 4 15.29 5.29 -19.90
C TYR B 4 15.40 6.55 -20.74
N ASN B 5 16.56 7.20 -20.71
CA ASN B 5 16.74 8.42 -21.48
C ASN B 5 16.64 8.17 -22.99
N LEU B 6 17.21 7.06 -23.45
CA LEU B 6 17.15 6.71 -24.86
C LEU B 6 15.73 6.41 -25.31
N ILE B 7 15.00 5.71 -24.45
CA ILE B 7 13.61 5.31 -24.68
C ILE B 7 12.73 6.54 -24.78
N LEU B 8 12.99 7.53 -23.95
CA LEU B 8 12.18 8.76 -23.94
C LEU B 8 12.28 9.51 -25.27
N SER B 9 13.46 9.55 -25.87
CA SER B 9 13.62 10.24 -27.14
C SER B 9 12.86 9.53 -28.26
N GLU B 10 12.89 8.20 -28.26
CA GLU B 10 12.20 7.43 -29.29
C GLU B 10 10.70 7.69 -29.16
N TYR B 11 10.22 7.75 -27.94
CA TYR B 11 8.80 7.99 -27.70
C TYR B 11 8.39 9.38 -28.15
N LEU B 12 9.23 10.38 -27.84
CA LEU B 12 8.92 11.75 -28.24
C LEU B 12 8.96 11.87 -29.75
N SER B 13 9.95 11.24 -30.36
CA SER B 13 10.08 11.29 -31.80
C SER B 13 8.87 10.59 -32.41
N PHE B 14 8.45 9.48 -31.80
CA PHE B 14 7.29 8.77 -32.31
C PHE B 14 6.01 9.58 -32.16
N ILE B 15 5.82 10.23 -31.02
CA ILE B 15 4.64 11.06 -30.77
C ILE B 15 4.51 12.31 -31.63
N TYR B 16 5.63 13.01 -31.79
CA TYR B 16 5.66 14.26 -32.51
C TYR B 16 6.53 14.21 -33.77
N ASN B 17 5.96 14.61 -34.90
CA ASN B 17 6.67 14.61 -36.18
C ASN B 17 6.22 15.77 -37.06
N SER B 18 7.11 16.75 -37.23
CA SER B 18 6.82 17.92 -38.05
C SER B 18 8.09 18.74 -38.28
N VAL B 22 10.58 19.18 -32.61
CA VAL B 22 12.01 19.12 -32.31
C VAL B 22 12.29 18.87 -30.83
N GLN B 23 13.44 18.27 -30.54
CA GLN B 23 13.83 17.98 -29.16
C GLN B 23 15.12 18.70 -28.82
N ILE B 24 15.17 19.30 -27.63
CA ILE B 24 16.35 20.05 -27.20
C ILE B 24 16.92 19.49 -25.89
N PRO B 25 17.92 18.61 -25.99
CA PRO B 25 18.54 18.00 -24.80
C PRO B 25 19.17 19.08 -23.93
N ILE B 26 18.88 19.04 -22.64
CA ILE B 26 19.43 20.03 -21.71
C ILE B 26 20.34 19.32 -20.71
N TYR B 27 21.61 19.70 -20.70
CA TYR B 27 22.57 19.09 -19.78
C TYR B 27 22.96 20.01 -18.64
N TYR B 28 23.78 19.46 -17.74
CA TYR B 28 24.26 20.21 -16.58
C TYR B 28 25.49 19.47 -16.05
N SER B 29 26.37 20.20 -15.36
CA SER B 29 27.58 19.59 -14.81
C SER B 29 28.04 20.27 -13.52
N SER B 30 28.65 19.48 -12.64
CA SER B 30 29.14 20.00 -11.37
C SER B 30 30.41 20.79 -11.58
N ASN B 31 30.98 20.69 -12.78
CA ASN B 31 32.20 21.40 -13.13
C ASN B 31 31.87 22.71 -13.85
N SER B 32 32.37 23.81 -13.31
CA SER B 32 32.12 25.15 -13.85
C SER B 32 32.28 25.36 -15.35
N GLU B 33 33.45 25.00 -15.88
CA GLU B 33 33.72 25.18 -17.29
C GLU B 33 32.79 24.34 -18.16
N LEU B 34 32.52 23.13 -17.72
CA LEU B 34 31.65 22.19 -18.43
C LEU B 34 30.23 22.72 -18.51
N GLU B 35 29.78 23.33 -17.42
CA GLU B 35 28.42 23.88 -17.30
C GLU B 35 28.19 25.01 -18.31
N ASN B 36 29.21 25.84 -18.49
CA ASN B 36 29.14 26.96 -19.44
C ASN B 36 28.97 26.33 -20.83
N ARG B 37 29.67 25.24 -21.07
CA ARG B 37 29.58 24.53 -22.33
C ARG B 37 28.14 24.04 -22.44
N CYS B 38 27.58 23.58 -21.32
CA CYS B 38 26.19 23.12 -21.32
C CYS B 38 25.27 24.30 -21.64
N ILE B 39 25.56 25.46 -21.08
CA ILE B 39 24.76 26.65 -21.32
C ILE B 39 24.86 27.11 -22.77
N GLU B 40 26.07 27.05 -23.32
CA GLU B 40 26.30 27.46 -24.69
C GLU B 40 25.56 26.57 -25.66
N PHE B 41 25.62 25.27 -25.39
CA PHE B 41 24.98 24.27 -26.23
C PHE B 41 23.45 24.44 -26.26
N HIS B 42 22.87 24.74 -25.11
CA HIS B 42 21.44 24.92 -25.01
C HIS B 42 21.00 26.12 -25.84
N SER B 43 21.76 27.21 -25.75
CA SER B 43 21.43 28.43 -26.47
C SER B 43 21.48 28.24 -27.97
N LYS B 44 22.52 27.53 -28.43
CA LYS B 44 22.71 27.28 -29.85
C LYS B 44 21.62 26.40 -30.42
N CYS B 45 21.21 25.39 -29.65
CA CYS B 45 20.15 24.49 -30.08
C CYS B 45 18.82 25.24 -30.24
N LEU B 46 18.50 26.12 -29.29
CA LEU B 46 17.25 26.88 -29.36
C LEU B 46 17.28 27.79 -30.57
N GLU B 47 18.42 28.43 -30.79
CA GLU B 47 18.58 29.33 -31.91
C GLU B 47 18.49 28.61 -33.24
N ASN B 48 19.11 27.44 -33.34
CA ASN B 48 19.07 26.67 -34.59
C ASN B 48 17.66 26.19 -34.88
N SER B 49 16.97 25.74 -33.83
CA SER B 49 15.61 25.27 -33.98
C SER B 49 14.73 26.44 -34.40
N LYS B 50 14.97 27.61 -33.79
CA LYS B 50 14.22 28.81 -34.13
C LYS B 50 14.60 29.30 -35.52
N ASN B 51 15.20 28.43 -36.32
CA ASN B 51 15.61 28.76 -37.68
C ASN B 51 15.57 27.53 -38.57
N GLY B 52 14.98 26.45 -38.05
CA GLY B 52 14.86 25.23 -38.81
C GLY B 52 16.17 24.74 -39.40
N LEU B 53 17.24 24.84 -38.61
CA LEU B 53 18.56 24.41 -39.02
C LEU B 53 18.91 23.09 -38.35
N SER B 54 19.82 22.34 -38.96
CA SER B 54 20.25 21.05 -38.43
C SER B 54 21.06 21.19 -37.15
N LEU B 55 20.73 20.38 -36.16
CA LEU B 55 21.45 20.40 -34.89
C LEU B 55 22.56 19.36 -34.89
N ARG B 56 22.82 18.75 -36.04
CA ARG B 56 23.84 17.72 -36.15
C ARG B 56 25.24 18.25 -35.89
N LYS B 57 25.55 19.44 -36.40
CA LYS B 57 26.85 20.04 -36.19
C LYS B 57 27.10 20.41 -34.73
N LEU B 58 26.08 20.92 -34.06
CA LEU B 58 26.19 21.30 -32.66
C LEU B 58 26.48 20.10 -31.77
N PHE B 59 25.84 18.98 -32.06
CA PHE B 59 26.05 17.77 -31.26
C PHE B 59 27.52 17.35 -31.41
N VAL B 60 28.03 17.43 -32.63
CA VAL B 60 29.44 17.11 -32.87
C VAL B 60 30.34 18.13 -32.18
N GLU B 61 29.97 19.41 -32.25
CA GLU B 61 30.74 20.50 -31.64
C GLU B 61 30.77 20.39 -30.13
N TYR B 62 29.63 20.07 -29.53
CA TYR B 62 29.52 19.93 -28.09
C TYR B 62 29.42 18.46 -27.75
N ASN B 63 30.36 17.72 -28.33
CA ASN B 63 30.50 16.29 -28.15
C ASN B 63 30.82 16.06 -26.68
N ASP B 64 31.64 16.96 -26.14
CA ASP B 64 32.10 16.88 -24.76
C ASP B 64 30.92 17.01 -23.82
N VAL B 65 29.97 17.89 -24.13
CA VAL B 65 28.82 18.03 -23.27
C VAL B 65 27.99 16.76 -23.32
N ILE B 66 27.82 16.17 -24.50
CA ILE B 66 27.02 14.94 -24.60
C ILE B 66 27.70 13.79 -23.86
N GLU B 67 29.02 13.70 -24.04
CA GLU B 67 29.87 12.68 -23.40
C GLU B 67 30.07 12.70 -21.89
N ASN B 68 30.27 13.88 -21.32
CA ASN B 68 30.57 13.97 -19.89
C ASN B 68 29.51 14.62 -19.01
N ALA B 69 28.83 15.64 -19.52
CA ALA B 69 27.81 16.30 -18.74
C ALA B 69 26.68 15.32 -18.47
N THR B 70 25.79 15.65 -17.55
CA THR B 70 24.68 14.77 -17.22
C THR B 70 23.38 15.30 -17.82
N LEU B 71 22.64 14.44 -18.50
CA LEU B 71 21.38 14.86 -19.11
C LEU B 71 20.42 15.23 -17.99
N LEU B 72 19.90 16.45 -18.02
CA LEU B 72 18.96 16.91 -17.01
C LEU B 72 17.52 16.73 -17.43
N SER B 73 17.24 17.01 -18.71
CA SER B 73 15.90 16.86 -19.23
C SER B 73 15.91 16.94 -20.74
N ILE B 74 14.72 17.05 -21.33
CA ILE B 74 14.57 17.16 -22.78
C ILE B 74 13.45 18.12 -23.13
N LEU B 75 13.73 19.06 -24.02
CA LEU B 75 12.72 20.02 -24.45
C LEU B 75 11.93 19.44 -25.62
N SER B 76 10.61 19.68 -25.60
CA SER B 76 9.74 19.17 -26.64
C SER B 76 8.91 20.26 -27.29
N TYR B 77 9.37 20.73 -28.45
CA TYR B 77 8.67 21.76 -29.22
C TYR B 77 7.80 21.04 -30.24
N SER B 78 6.52 20.86 -29.90
CA SER B 78 5.60 20.16 -30.79
C SER B 78 4.44 21.03 -31.22
N TYR B 79 4.38 21.31 -32.51
CA TYR B 79 3.28 22.12 -33.02
C TYR B 79 2.25 21.32 -33.80
N ASP B 80 1.43 20.61 -33.02
CA ASP B 80 0.33 19.79 -33.49
C ASP B 80 -0.74 20.29 -32.53
N LYS B 81 -1.86 19.58 -32.42
CA LYS B 81 -2.90 20.00 -31.49
C LYS B 81 -3.40 18.78 -30.72
N TYR B 82 -2.49 18.21 -29.93
CA TYR B 82 -2.73 17.01 -29.12
C TYR B 82 -3.66 15.99 -29.79
N ASN B 83 -3.54 15.90 -31.11
CA ASN B 83 -4.31 14.96 -31.93
C ASN B 83 -3.49 13.69 -32.01
N ALA B 84 -3.11 13.32 -33.24
CA ALA B 84 -2.30 12.13 -33.49
C ALA B 84 -2.92 10.83 -32.97
N VAL B 85 -3.57 10.87 -31.82
CA VAL B 85 -4.19 9.68 -31.24
C VAL B 85 -5.32 9.21 -32.15
N GLU B 86 -6.10 10.16 -32.66
CA GLU B 86 -7.20 9.78 -33.54
C GLU B 86 -6.64 9.15 -34.84
N ARG B 87 -5.58 9.77 -35.37
CA ARG B 87 -4.94 9.31 -36.59
C ARG B 87 -4.23 7.94 -36.48
N LYS B 88 -3.53 7.75 -35.36
CA LYS B 88 -2.76 6.55 -35.00
C LYS B 88 -3.53 5.25 -34.83
N LEU B 89 -4.69 5.39 -34.20
CA LEU B 89 -5.63 4.34 -33.82
C LEU B 89 -6.26 3.53 -34.95
N VAL B 90 -6.55 4.19 -36.05
CA VAL B 90 -7.27 3.62 -37.19
C VAL B 90 -6.50 2.45 -37.82
N LYS B 91 -5.18 2.52 -37.90
CA LYS B 91 -4.47 1.43 -38.54
C LYS B 91 -4.72 0.17 -37.71
N TYR B 92 -4.75 0.27 -36.39
CA TYR B 92 -5.01 -0.90 -35.54
C TYR B 92 -6.50 -1.28 -35.39
N ALA B 93 -7.38 -0.41 -35.89
CA ALA B 93 -8.81 -0.66 -35.77
C ALA B 93 -9.41 -1.37 -36.98
N LYS B 94 -8.99 -2.60 -37.20
CA LYS B 94 -9.48 -3.38 -38.33
C LYS B 94 -10.48 -4.44 -37.89
N GLY B 95 -10.27 -4.97 -36.71
CA GLY B 95 -11.16 -5.99 -36.20
C GLY B 95 -12.58 -5.50 -36.05
N LYS B 96 -13.50 -6.43 -35.78
CA LYS B 96 -14.91 -6.07 -35.63
C LYS B 96 -15.15 -5.60 -34.20
N PRO B 97 -15.77 -4.41 -34.03
CA PRO B 97 -16.03 -3.87 -32.69
C PRO B 97 -16.78 -4.89 -31.83
N LEU B 98 -16.71 -4.70 -30.51
CA LEU B 98 -17.40 -5.61 -29.60
C LEU B 98 -18.78 -5.05 -29.36
N GLU B 99 -19.76 -5.94 -29.22
CA GLU B 99 -21.14 -5.51 -28.99
C GLU B 99 -21.57 -5.92 -27.59
N ALA B 100 -21.76 -4.93 -26.74
CA ALA B 100 -22.14 -5.18 -25.36
C ALA B 100 -23.38 -6.04 -25.25
N ASP B 101 -23.31 -7.07 -24.42
CA ASP B 101 -24.44 -7.95 -24.20
C ASP B 101 -25.15 -7.41 -22.96
N LEU B 102 -26.09 -6.50 -23.19
CA LEU B 102 -26.83 -5.88 -22.10
C LEU B 102 -27.77 -6.79 -21.29
N THR B 103 -27.52 -8.10 -21.30
CA THR B 103 -28.38 -9.01 -20.54
C THR B 103 -27.60 -9.78 -19.47
N VAL B 104 -26.32 -9.45 -19.31
CA VAL B 104 -25.49 -10.17 -18.36
C VAL B 104 -25.53 -9.70 -16.92
N ASN B 105 -25.68 -8.39 -16.71
CA ASN B 105 -25.67 -7.86 -15.35
C ASN B 105 -27.04 -7.63 -14.72
N GLU B 106 -27.15 -7.91 -13.42
CA GLU B 106 -28.39 -7.72 -12.68
C GLU B 106 -28.82 -6.26 -12.75
N LEU B 107 -28.26 -5.43 -11.87
CA LEU B 107 -28.58 -4.02 -11.86
C LEU B 107 -28.32 -3.43 -13.25
N ASP B 108 -29.36 -2.91 -13.87
CA ASP B 108 -29.29 -2.35 -15.21
C ASP B 108 -28.09 -1.47 -15.51
N TYR B 109 -27.73 -0.60 -14.57
CA TYR B 109 -26.60 0.32 -14.79
C TYR B 109 -25.20 -0.34 -14.82
N GLU B 110 -25.14 -1.64 -14.55
CA GLU B 110 -23.86 -2.34 -14.60
C GLU B 110 -23.60 -2.88 -16.01
N ASN B 111 -24.62 -2.78 -16.88
CA ASN B 111 -24.52 -3.25 -18.25
C ASN B 111 -24.01 -2.10 -19.12
N ASN B 112 -23.11 -2.41 -20.03
CA ASN B 112 -22.49 -1.39 -20.88
C ASN B 112 -23.43 -0.61 -21.81
N LYS B 113 -24.58 -0.18 -21.28
CA LYS B 113 -25.53 0.58 -22.12
C LYS B 113 -24.92 1.92 -22.51
N MET B 114 -25.45 2.56 -23.55
CA MET B 114 -24.94 3.86 -23.97
C MET B 114 -25.12 4.76 -22.77
N THR B 115 -24.15 5.66 -22.55
CA THR B 115 -24.21 6.58 -21.40
C THR B 115 -25.55 7.26 -21.29
N SER B 116 -26.04 7.81 -22.41
CA SER B 116 -27.33 8.52 -22.46
C SER B 116 -28.48 7.68 -21.88
N GLU B 117 -28.61 6.44 -22.36
CA GLU B 117 -29.64 5.53 -21.89
C GLU B 117 -29.64 5.33 -20.37
N LEU B 118 -28.55 5.72 -19.71
CA LEU B 118 -28.43 5.58 -18.27
C LEU B 118 -28.64 6.93 -17.62
N PHE B 119 -28.26 7.99 -18.34
CA PHE B 119 -28.39 9.36 -17.86
C PHE B 119 -28.86 10.26 -19.01
N PRO B 120 -30.18 10.25 -19.27
CA PRO B 120 -30.81 11.04 -20.34
C PRO B 120 -30.42 12.51 -20.38
N THR B 121 -30.08 13.08 -19.22
CA THR B 121 -29.71 14.48 -19.14
C THR B 121 -28.37 14.73 -18.46
N ALA B 122 -27.71 15.79 -18.89
CA ALA B 122 -26.41 16.17 -18.34
C ALA B 122 -26.44 16.40 -16.82
N GLU B 123 -27.61 16.73 -16.30
CA GLU B 123 -27.75 17.00 -14.88
C GLU B 123 -27.90 15.71 -14.07
N GLU B 124 -28.16 14.61 -14.77
CA GLU B 124 -28.35 13.33 -14.13
C GLU B 124 -27.07 12.50 -14.22
N TYR B 125 -26.18 12.90 -15.13
CA TYR B 125 -24.93 12.21 -15.38
C TYR B 125 -24.01 12.16 -14.18
N THR B 126 -23.15 11.14 -14.16
CA THR B 126 -22.19 10.91 -13.10
C THR B 126 -21.17 9.87 -13.54
N ASP B 127 -19.89 10.14 -13.29
CA ASP B 127 -18.82 9.21 -13.63
C ASP B 127 -18.54 8.35 -12.40
N SER B 128 -19.25 8.62 -11.32
CA SER B 128 -19.11 7.87 -10.08
C SER B 128 -19.07 6.34 -10.21
N LEU B 129 -19.53 5.82 -11.34
CA LEU B 129 -19.57 4.38 -11.52
C LEU B 129 -18.58 3.83 -12.53
N MET B 130 -17.68 4.68 -13.03
CA MET B 130 -16.69 4.24 -14.01
C MET B 130 -15.43 5.12 -13.99
N ASP B 131 -15.39 6.09 -13.11
CA ASP B 131 -14.26 7.01 -13.07
C ASP B 131 -12.93 6.28 -12.82
N PRO B 132 -12.01 6.37 -13.78
CA PRO B 132 -10.71 5.73 -13.63
C PRO B 132 -10.03 6.29 -12.39
N ALA B 133 -10.38 7.53 -12.05
CA ALA B 133 -9.85 8.22 -10.88
C ALA B 133 -8.31 8.22 -10.84
N ILE B 134 -7.68 8.47 -11.97
CA ILE B 134 -6.21 8.48 -12.01
C ILE B 134 -5.75 9.65 -12.87
N LEU B 135 -4.62 10.25 -12.49
CA LEU B 135 -4.11 11.41 -13.22
C LEU B 135 -3.34 11.11 -14.48
N THR B 136 -3.92 10.28 -15.33
CA THR B 136 -3.33 9.91 -16.62
C THR B 136 -4.50 9.60 -17.55
N SER B 137 -4.43 10.05 -18.79
CA SER B 137 -5.52 9.84 -19.72
C SER B 137 -5.56 8.53 -20.49
N LEU B 138 -6.74 8.22 -21.00
CA LEU B 138 -7.01 7.04 -21.82
C LEU B 138 -6.24 7.22 -23.12
N SER B 139 -6.22 8.45 -23.62
CA SER B 139 -5.56 8.76 -24.87
C SER B 139 -4.06 8.50 -24.75
N SER B 140 -3.50 8.86 -23.60
CA SER B 140 -2.08 8.63 -23.35
C SER B 140 -1.78 7.12 -23.30
N ASN B 141 -2.68 6.35 -22.68
CA ASN B 141 -2.49 4.90 -22.58
C ASN B 141 -2.49 4.30 -23.99
N LEU B 142 -3.37 4.80 -24.83
CA LEU B 142 -3.47 4.29 -26.19
C LEU B 142 -2.18 4.60 -26.92
N ASN B 143 -1.67 5.81 -26.71
CA ASN B 143 -0.43 6.22 -27.35
C ASN B 143 0.72 5.35 -26.89
N ALA B 144 0.73 5.03 -25.60
CA ALA B 144 1.78 4.21 -25.02
C ALA B 144 1.81 2.80 -25.60
N VAL B 145 0.65 2.19 -25.78
CA VAL B 145 0.55 0.83 -26.32
C VAL B 145 1.02 0.77 -27.75
N MET B 146 0.62 1.76 -28.53
CA MET B 146 0.98 1.86 -29.94
C MET B 146 2.47 2.08 -30.13
N PHE B 147 3.05 2.90 -29.26
CA PHE B 147 4.47 3.21 -29.34
C PHE B 147 5.24 1.91 -29.11
N TRP B 148 4.78 1.10 -28.17
CA TRP B 148 5.42 -0.16 -27.88
C TRP B 148 5.30 -1.12 -29.06
N LEU B 149 4.13 -1.11 -29.69
CA LEU B 149 3.86 -2.00 -30.82
C LEU B 149 4.78 -1.66 -31.98
N GLU B 150 5.00 -0.38 -32.24
CA GLU B 150 5.84 0.03 -33.33
C GLU B 150 7.29 -0.39 -33.10
N LYS B 151 7.74 -0.25 -31.87
CA LYS B 151 9.11 -0.61 -31.51
C LYS B 151 9.39 -2.09 -31.64
N HIS B 152 8.44 -2.92 -31.23
CA HIS B 152 8.62 -4.36 -31.35
C HIS B 152 7.89 -4.89 -32.56
N GLU B 153 7.87 -4.10 -33.62
CA GLU B 153 7.21 -4.47 -34.87
C GLU B 153 8.12 -5.46 -35.61
N ASN B 154 9.42 -5.14 -35.67
CA ASN B 154 10.39 -6.00 -36.36
C ASN B 154 11.16 -6.90 -35.40
N ASP B 155 10.44 -7.61 -34.56
CA ASP B 155 11.08 -8.53 -33.61
C ASP B 155 11.10 -9.93 -34.20
N VAL B 156 11.83 -10.86 -33.58
CA VAL B 156 11.91 -12.22 -34.09
C VAL B 156 11.66 -13.27 -33.04
N ALA B 157 11.72 -14.54 -33.47
CA ALA B 157 11.51 -15.69 -32.61
C ALA B 157 10.36 -15.53 -31.62
N GLU B 158 10.68 -15.62 -30.33
CA GLU B 158 9.68 -15.52 -29.26
C GLU B 158 9.24 -14.11 -28.95
N LYS B 159 10.12 -13.14 -29.17
CA LYS B 159 9.79 -11.74 -28.91
C LYS B 159 8.66 -11.33 -29.85
N LEU B 160 8.74 -11.80 -31.09
CA LEU B 160 7.75 -11.51 -32.12
C LEU B 160 6.40 -12.09 -31.73
N LYS B 161 6.43 -13.28 -31.14
CA LYS B 161 5.24 -13.99 -30.73
C LYS B 161 4.56 -13.16 -29.65
N VAL B 162 5.35 -12.56 -28.77
CA VAL B 162 4.80 -11.72 -27.71
C VAL B 162 4.12 -10.52 -28.35
N TYR B 163 4.75 -9.95 -29.38
CA TYR B 163 4.19 -8.80 -30.08
C TYR B 163 2.91 -9.20 -30.79
N LYS B 164 2.93 -10.37 -31.42
CA LYS B 164 1.78 -10.86 -32.17
C LYS B 164 0.59 -11.12 -31.26
N ARG B 165 0.82 -11.69 -30.08
CA ARG B 165 -0.29 -11.96 -29.18
C ARG B 165 -0.90 -10.62 -28.78
N ARG B 166 -0.02 -9.65 -28.51
CA ARG B 166 -0.42 -8.30 -28.13
C ARG B 166 -1.11 -7.47 -29.19
N LEU B 167 -0.64 -7.57 -30.43
CA LEU B 167 -1.22 -6.80 -31.53
C LEU B 167 -2.65 -7.24 -31.74
N ASP B 168 -2.89 -8.54 -31.64
CA ASP B 168 -4.23 -9.06 -31.78
C ASP B 168 -5.12 -8.40 -30.74
N LEU B 169 -4.81 -8.64 -29.47
CA LEU B 169 -5.58 -8.08 -28.35
C LEU B 169 -5.83 -6.57 -28.46
N PHE B 170 -4.81 -5.79 -28.77
CA PHE B 170 -4.99 -4.36 -28.88
C PHE B 170 -5.95 -4.01 -30.01
N THR B 171 -6.09 -4.91 -30.98
CA THR B 171 -6.98 -4.67 -32.09
C THR B 171 -8.39 -4.57 -31.55
N ILE B 172 -8.72 -5.41 -30.58
CA ILE B 172 -10.05 -5.43 -30.00
C ILE B 172 -10.33 -4.10 -29.33
N VAL B 173 -9.35 -3.58 -28.60
CA VAL B 173 -9.52 -2.29 -27.92
C VAL B 173 -9.67 -1.19 -28.95
N ALA B 174 -8.86 -1.24 -30.00
CA ALA B 174 -8.86 -0.22 -31.04
C ALA B 174 -10.15 -0.23 -31.86
N SER B 175 -10.51 -1.42 -32.35
CA SER B 175 -11.72 -1.57 -33.14
C SER B 175 -12.93 -1.04 -32.38
N THR B 176 -13.06 -1.44 -31.12
CA THR B 176 -14.19 -1.02 -30.30
C THR B 176 -14.18 0.48 -30.01
N ILE B 177 -13.01 1.03 -29.70
CA ILE B 177 -12.88 2.46 -29.40
C ILE B 177 -13.18 3.34 -30.60
N ASN B 178 -12.72 2.92 -31.77
CA ASN B 178 -12.90 3.71 -32.99
C ASN B 178 -14.37 3.86 -33.37
N LYS B 179 -15.14 2.79 -33.19
CA LYS B 179 -16.56 2.81 -33.49
C LYS B 179 -17.25 4.00 -32.84
N TYR B 180 -16.65 4.57 -31.79
CA TYR B 180 -17.25 5.71 -31.08
C TYR B 180 -16.30 6.90 -30.97
N GLY B 181 -15.02 6.66 -31.25
CA GLY B 181 -14.03 7.71 -31.15
C GLY B 181 -13.35 7.65 -29.80
N VAL B 182 -12.22 8.32 -29.65
CA VAL B 182 -11.50 8.28 -28.38
C VAL B 182 -12.04 9.34 -27.40
N PRO B 183 -12.57 8.90 -26.26
CA PRO B 183 -13.13 9.81 -25.25
C PRO B 183 -12.12 10.88 -24.83
N ARG B 184 -12.48 12.14 -24.97
CA ARG B 184 -11.56 13.21 -24.60
C ARG B 184 -11.78 13.63 -23.15
N HIS B 185 -10.68 13.65 -22.40
CA HIS B 185 -10.65 14.00 -20.98
C HIS B 185 -10.47 15.50 -20.75
N ASN B 186 -10.78 15.95 -19.54
CA ASN B 186 -10.63 17.36 -19.20
C ASN B 186 -9.38 17.57 -18.34
N ALA B 187 -9.09 18.83 -18.04
CA ALA B 187 -7.93 19.19 -17.22
C ALA B 187 -7.76 18.32 -15.98
N LYS B 188 -8.87 17.89 -15.39
CA LYS B 188 -8.80 17.05 -14.19
C LYS B 188 -8.85 15.56 -14.52
N TYR B 189 -8.56 15.25 -15.77
CA TYR B 189 -8.56 13.86 -16.22
C TYR B 189 -9.88 13.12 -15.98
N ARG B 190 -10.99 13.86 -16.04
CA ARG B 190 -12.30 13.27 -15.84
C ARG B 190 -13.03 13.23 -17.17
N TYR B 191 -14.03 12.35 -17.26
CA TYR B 191 -14.81 12.20 -18.48
C TYR B 191 -16.22 12.72 -18.25
N GLU B 192 -16.51 13.87 -18.84
CA GLU B 192 -17.80 14.52 -18.68
C GLU B 192 -18.90 13.98 -19.56
N TYR B 193 -20.11 14.50 -19.37
CA TYR B 193 -21.28 14.05 -20.11
C TYR B 193 -21.23 14.24 -21.63
N ASP B 194 -20.71 15.35 -22.11
CA ASP B 194 -20.72 15.53 -23.55
C ASP B 194 -19.87 14.53 -24.29
N VAL B 195 -18.66 14.25 -23.78
CA VAL B 195 -17.80 13.24 -24.40
C VAL B 195 -18.38 11.83 -24.26
N MET B 196 -18.89 11.59 -23.06
CA MET B 196 -19.52 10.36 -22.61
C MET B 196 -20.85 9.81 -23.15
N LYS B 197 -21.79 10.71 -23.40
CA LYS B 197 -23.14 10.33 -23.79
C LYS B 197 -23.18 9.56 -25.11
N ASP B 198 -22.38 9.95 -26.09
CA ASP B 198 -22.35 9.19 -27.34
C ASP B 198 -21.87 7.75 -27.09
N LYS B 199 -20.73 7.60 -26.42
CA LYS B 199 -20.12 6.30 -26.15
C LYS B 199 -20.71 5.48 -25.00
N PRO B 200 -20.42 4.16 -24.98
CA PRO B 200 -20.92 3.27 -23.92
C PRO B 200 -20.35 3.79 -22.58
N TYR B 201 -21.17 3.75 -21.54
CA TYR B 201 -20.76 4.22 -20.22
C TYR B 201 -19.39 3.73 -19.77
N TYR B 202 -19.22 2.41 -19.70
CA TYR B 202 -17.95 1.80 -19.25
C TYR B 202 -16.86 1.70 -20.31
N LEU B 203 -16.99 2.42 -21.41
CA LEU B 203 -15.99 2.34 -22.45
C LEU B 203 -14.57 2.65 -21.99
N VAL B 204 -14.38 3.82 -21.38
CA VAL B 204 -13.04 4.24 -20.95
C VAL B 204 -12.41 3.39 -19.85
N THR B 205 -13.16 2.99 -18.84
CA THR B 205 -12.60 2.19 -17.75
C THR B 205 -12.18 0.82 -18.29
N TRP B 206 -13.02 0.28 -19.16
CA TRP B 206 -12.80 -1.02 -19.77
C TRP B 206 -11.54 -1.00 -20.61
N ALA B 207 -11.33 0.09 -21.32
CA ALA B 207 -10.15 0.21 -22.17
C ALA B 207 -8.89 0.20 -21.30
N ASN B 208 -8.96 0.90 -20.16
CA ASN B 208 -7.81 0.95 -19.26
C ASN B 208 -7.51 -0.42 -18.70
N SER B 209 -8.54 -1.17 -18.32
CA SER B 209 -8.33 -2.50 -17.77
C SER B 209 -7.76 -3.44 -18.83
N SER B 210 -8.30 -3.35 -20.06
CA SER B 210 -7.82 -4.18 -21.16
C SER B 210 -6.39 -3.87 -21.59
N ILE B 211 -6.07 -2.59 -21.65
CA ILE B 211 -4.74 -2.15 -22.05
C ILE B 211 -3.72 -2.61 -21.00
N GLU B 212 -4.11 -2.51 -19.74
CA GLU B 212 -3.25 -2.91 -18.66
C GLU B 212 -3.01 -4.40 -18.73
N MET B 213 -4.06 -5.17 -19.02
CA MET B 213 -3.94 -6.62 -19.14
C MET B 213 -3.11 -7.11 -20.33
N LEU B 214 -3.29 -6.47 -21.48
CA LEU B 214 -2.59 -6.89 -22.70
C LEU B 214 -1.11 -6.57 -22.69
N MET B 215 -0.74 -5.46 -22.04
CA MET B 215 0.67 -5.09 -21.94
C MET B 215 1.39 -5.95 -20.89
N SER B 216 0.64 -6.83 -20.23
CA SER B 216 1.19 -7.71 -19.21
C SER B 216 1.13 -9.14 -19.75
N VAL B 217 0.91 -9.25 -21.06
CA VAL B 217 0.83 -10.54 -21.72
C VAL B 217 2.13 -10.93 -22.39
N PHE B 218 2.57 -12.15 -22.13
CA PHE B 218 3.81 -12.67 -22.70
C PHE B 218 3.60 -14.07 -23.30
N SER B 219 3.46 -15.07 -22.43
CA SER B 219 3.25 -16.44 -22.88
C SER B 219 1.89 -16.59 -23.57
N HIS B 220 1.69 -17.72 -24.25
CA HIS B 220 0.43 -17.96 -24.95
C HIS B 220 -0.71 -18.01 -23.93
N ASP B 221 -0.39 -18.49 -22.74
CA ASP B 221 -1.38 -18.57 -21.67
C ASP B 221 -1.85 -17.17 -21.27
N ASP B 222 -0.93 -16.21 -21.21
CA ASP B 222 -1.30 -14.86 -20.83
C ASP B 222 -2.26 -14.34 -21.90
N TYR B 223 -1.96 -14.64 -23.15
CA TYR B 223 -2.78 -14.18 -24.26
C TYR B 223 -4.18 -14.76 -24.23
N LEU B 224 -4.26 -16.05 -23.90
CA LEU B 224 -5.58 -16.67 -23.85
C LEU B 224 -6.40 -16.06 -22.75
N ILE B 225 -5.77 -15.85 -21.60
CA ILE B 225 -6.44 -15.26 -20.43
C ILE B 225 -6.84 -13.81 -20.64
N ALA B 226 -5.96 -13.05 -21.25
CA ALA B 226 -6.24 -11.65 -21.48
C ALA B 226 -7.41 -11.48 -22.42
N LYS B 227 -7.44 -12.30 -23.47
CA LYS B 227 -8.50 -12.20 -24.48
C LYS B 227 -9.88 -12.53 -23.92
N GLU B 228 -9.95 -13.57 -23.10
CA GLU B 228 -11.23 -13.92 -22.52
C GLU B 228 -11.73 -12.85 -21.55
N LEU B 229 -10.83 -12.34 -20.72
CA LEU B 229 -11.14 -11.31 -19.74
C LEU B 229 -11.54 -10.00 -20.37
N ILE B 230 -10.84 -9.64 -21.43
CA ILE B 230 -11.13 -8.41 -22.13
C ILE B 230 -12.53 -8.44 -22.76
N VAL B 231 -12.85 -9.50 -23.50
CA VAL B 231 -14.16 -9.62 -24.15
C VAL B 231 -15.37 -9.76 -23.19
N LEU B 232 -15.18 -10.57 -22.16
CA LEU B 232 -16.20 -10.81 -21.15
C LEU B 232 -16.54 -9.58 -20.30
N SER B 233 -15.49 -8.84 -19.99
CA SER B 233 -15.46 -7.63 -19.16
C SER B 233 -16.29 -6.52 -19.80
N TYR B 234 -16.24 -6.41 -21.11
CA TYR B 234 -16.91 -5.33 -21.83
C TYR B 234 -18.41 -5.50 -21.54
N SER B 235 -18.91 -6.71 -21.51
CA SER B 235 -20.32 -6.91 -21.17
C SER B 235 -20.54 -7.10 -19.66
N ASN B 236 -19.83 -8.06 -19.05
CA ASN B 236 -19.98 -8.36 -17.63
C ASN B 236 -19.19 -7.40 -16.78
N ARG B 237 -19.85 -6.73 -15.85
CA ARG B 237 -19.19 -5.79 -14.94
C ARG B 237 -19.57 -6.05 -13.50
N SER B 238 -19.79 -7.32 -13.13
CA SER B 238 -20.16 -7.60 -11.75
C SER B 238 -19.84 -8.99 -11.19
N THR B 239 -19.58 -9.97 -12.04
CA THR B 239 -19.30 -11.33 -11.52
C THR B 239 -18.14 -12.06 -12.21
N LEU B 240 -17.53 -11.41 -13.20
CA LEU B 240 -16.44 -12.04 -13.92
C LEU B 240 -15.23 -12.34 -13.01
N ALA B 241 -14.84 -11.40 -12.15
CA ALA B 241 -13.72 -11.61 -11.24
C ALA B 241 -14.06 -12.70 -10.21
N LYS B 242 -15.27 -12.65 -9.68
CA LYS B 242 -15.71 -13.61 -8.68
C LYS B 242 -15.81 -15.02 -9.31
N LEU B 243 -16.34 -15.08 -10.54
CA LEU B 243 -16.47 -16.36 -11.21
C LEU B 243 -15.13 -16.96 -11.57
N VAL B 244 -14.24 -16.12 -12.07
CA VAL B 244 -12.89 -16.53 -12.45
C VAL B 244 -12.01 -16.97 -11.28
N SER B 245 -12.10 -16.28 -10.15
CA SER B 245 -11.26 -16.60 -9.00
C SER B 245 -11.91 -17.38 -7.89
N SER B 246 -13.10 -17.90 -8.14
CA SER B 246 -13.77 -18.66 -7.11
C SER B 246 -13.25 -20.12 -6.95
N PRO B 247 -12.78 -20.74 -8.06
CA PRO B 247 -12.26 -22.12 -8.08
C PRO B 247 -10.98 -22.30 -7.28
N MET B 248 -10.32 -21.20 -6.96
CA MET B 248 -9.07 -21.22 -6.23
C MET B 248 -9.17 -21.80 -4.81
N SER B 249 -10.27 -21.50 -4.13
CA SER B 249 -10.44 -21.97 -2.77
C SER B 249 -10.49 -23.49 -2.75
N ILE B 250 -11.17 -24.09 -3.72
CA ILE B 250 -11.24 -25.55 -3.85
C ILE B 250 -9.90 -26.21 -4.19
N LEU B 251 -9.15 -25.54 -5.07
CA LEU B 251 -7.87 -26.00 -5.64
C LEU B 251 -6.75 -26.19 -4.62
N VAL B 252 -6.67 -25.31 -3.64
CA VAL B 252 -5.60 -25.35 -2.66
C VAL B 252 -5.72 -26.66 -1.90
N ALA B 253 -6.94 -27.08 -1.62
CA ALA B 253 -7.19 -28.34 -0.91
C ALA B 253 -6.68 -29.53 -1.74
N LEU B 254 -6.87 -29.50 -3.05
CA LEU B 254 -6.42 -30.58 -3.93
C LEU B 254 -4.93 -31.00 -4.00
N VAL B 255 -4.02 -30.06 -4.24
CA VAL B 255 -2.59 -30.37 -4.35
C VAL B 255 -1.92 -31.04 -3.14
N ASP B 256 -1.04 -32.00 -3.42
CA ASP B 256 -0.30 -32.73 -2.38
C ASP B 256 0.90 -31.94 -1.89
N ILE B 257 1.29 -32.21 -0.64
CA ILE B 257 2.45 -31.54 -0.03
C ILE B 257 3.69 -32.45 -0.07
N ASN B 258 4.70 -32.03 -0.82
CA ASN B 258 5.95 -32.77 -0.92
C ASN B 258 7.06 -31.85 -0.48
N GLY B 259 7.22 -31.72 0.82
CA GLY B 259 8.27 -30.85 1.33
C GLY B 259 7.80 -29.42 1.35
N THR B 260 7.78 -28.83 2.55
CA THR B 260 7.34 -27.46 2.73
C THR B 260 8.11 -26.81 3.88
N PHE B 261 8.02 -25.49 3.97
CA PHE B 261 8.69 -24.78 5.06
C PHE B 261 7.72 -24.60 6.23
N ILE B 262 8.24 -24.74 7.44
CA ILE B 262 7.44 -24.61 8.63
C ILE B 262 8.02 -23.57 9.56
N THR B 263 7.37 -23.41 10.71
CA THR B 263 7.83 -22.45 11.70
C THR B 263 8.39 -23.19 12.90
N ASN B 264 9.61 -22.83 13.31
CA ASN B 264 10.23 -23.48 14.46
C ASN B 264 10.12 -22.61 15.70
N GLU B 265 10.56 -23.15 16.83
CA GLU B 265 10.52 -22.44 18.11
C GLU B 265 11.10 -21.04 18.03
N GLU B 266 12.06 -20.83 17.13
CA GLU B 266 12.67 -19.52 16.98
C GLU B 266 11.86 -18.67 15.99
N LEU B 267 10.61 -19.06 15.78
CA LEU B 267 9.69 -18.36 14.89
C LEU B 267 10.34 -17.99 13.58
N GLU B 268 11.04 -18.95 12.97
CA GLU B 268 11.69 -18.73 11.70
C GLU B 268 11.41 -19.91 10.75
N LEU B 269 11.46 -19.65 9.45
CA LEU B 269 11.18 -20.70 8.48
C LEU B 269 12.28 -21.77 8.49
N GLU B 270 11.86 -23.02 8.38
CA GLU B 270 12.77 -24.15 8.37
C GLU B 270 12.18 -25.23 7.46
N PHE B 271 12.97 -25.74 6.54
CA PHE B 271 12.49 -26.78 5.63
C PHE B 271 12.13 -28.10 6.28
N SER B 272 11.04 -28.70 5.81
CA SER B 272 10.54 -29.99 6.30
C SER B 272 10.18 -30.83 5.08
N ASN B 273 10.91 -31.93 4.89
CA ASN B 273 10.71 -32.81 3.73
C ASN B 273 9.47 -33.70 3.81
N LYS B 274 8.63 -33.49 4.83
CA LYS B 274 7.42 -34.29 5.00
C LYS B 274 6.45 -34.31 3.81
N TYR B 275 5.58 -35.31 3.83
CA TYR B 275 4.57 -35.49 2.79
C TYR B 275 3.21 -35.50 3.44
N VAL B 276 2.27 -34.78 2.86
CA VAL B 276 0.92 -34.74 3.39
C VAL B 276 -0.06 -35.04 2.26
N ARG B 277 -0.85 -36.11 2.45
CA ARG B 277 -1.82 -36.54 1.45
C ARG B 277 -3.06 -35.65 1.42
N ALA B 278 -3.32 -35.05 0.27
CA ALA B 278 -4.48 -34.19 0.12
C ALA B 278 -5.71 -35.08 0.04
N ILE B 279 -6.58 -34.97 1.03
CA ILE B 279 -7.80 -35.76 1.06
C ILE B 279 -9.02 -34.88 0.71
N VAL B 280 -9.69 -35.23 -0.38
CA VAL B 280 -10.85 -34.46 -0.84
C VAL B 280 -12.12 -35.28 -1.04
N PRO B 281 -13.21 -34.96 -0.33
CA PRO B 281 -14.48 -35.69 -0.46
C PRO B 281 -15.12 -35.38 -1.80
N ASP B 282 -15.70 -36.41 -2.41
CA ASP B 282 -16.35 -36.32 -3.74
C ASP B 282 -17.30 -35.13 -3.87
N GLN B 283 -17.86 -34.70 -2.75
CA GLN B 283 -18.81 -33.59 -2.68
C GLN B 283 -18.12 -32.31 -3.12
N THR B 284 -16.87 -32.18 -2.71
CA THR B 284 -16.05 -31.01 -2.98
C THR B 284 -15.88 -30.90 -4.49
N PHE B 285 -15.70 -32.03 -5.13
CA PHE B 285 -15.53 -32.06 -6.57
C PHE B 285 -16.80 -31.55 -7.27
N ASP B 286 -17.97 -31.92 -6.74
CA ASP B 286 -19.22 -31.47 -7.34
C ASP B 286 -19.31 -29.94 -7.21
N GLU B 287 -18.88 -29.43 -6.05
CA GLU B 287 -18.90 -27.99 -5.80
C GLU B 287 -17.97 -27.26 -6.78
N LEU B 288 -16.80 -27.84 -7.01
CA LEU B 288 -15.82 -27.27 -7.91
C LEU B 288 -16.38 -27.28 -9.32
N ASN B 289 -17.06 -28.37 -9.66
CA ASN B 289 -17.67 -28.52 -10.97
C ASN B 289 -18.76 -27.49 -11.22
N GLN B 290 -19.55 -27.22 -10.19
CA GLN B 290 -20.64 -26.26 -10.30
C GLN B 290 -20.01 -24.92 -10.59
N MET B 291 -18.88 -24.66 -9.93
CA MET B 291 -18.16 -23.40 -10.15
C MET B 291 -17.65 -23.30 -11.58
N LEU B 292 -17.12 -24.41 -12.09
CA LEU B 292 -16.61 -24.46 -13.46
C LEU B 292 -17.76 -24.30 -14.45
N ASP B 293 -18.88 -24.94 -14.14
CA ASP B 293 -20.07 -24.86 -15.00
C ASP B 293 -20.60 -23.43 -15.05
N ASN B 294 -20.57 -22.77 -13.89
CA ASN B 294 -21.03 -21.40 -13.77
C ASN B 294 -20.15 -20.48 -14.61
N MET B 295 -18.84 -20.75 -14.63
CA MET B 295 -17.96 -19.92 -15.42
C MET B 295 -18.35 -20.11 -16.86
N ARG B 296 -18.65 -21.35 -17.23
CA ARG B 296 -19.02 -21.69 -18.61
C ARG B 296 -20.33 -21.05 -19.05
N LYS B 297 -21.31 -21.05 -18.14
CA LYS B 297 -22.61 -20.45 -18.40
C LYS B 297 -22.49 -18.96 -18.64
N ALA B 298 -21.35 -18.38 -18.24
CA ALA B 298 -21.11 -16.95 -18.40
C ALA B 298 -20.24 -16.59 -19.59
N GLY B 299 -20.05 -17.54 -20.49
CA GLY B 299 -19.27 -17.31 -21.69
C GLY B 299 -17.85 -17.81 -21.65
N LEU B 300 -17.33 -17.94 -20.43
CA LEU B 300 -15.98 -18.42 -20.24
C LEU B 300 -15.76 -19.80 -20.89
N VAL B 301 -14.65 -19.94 -21.61
CA VAL B 301 -14.33 -21.20 -22.27
C VAL B 301 -12.87 -21.63 -22.08
N ASP B 302 -11.93 -20.77 -22.48
CA ASP B 302 -10.50 -21.08 -22.37
C ASP B 302 -10.01 -21.22 -20.91
N ILE B 303 -10.45 -20.33 -20.03
CA ILE B 303 -10.05 -20.38 -18.63
C ILE B 303 -10.58 -21.61 -17.92
N PRO B 304 -11.83 -22.00 -18.19
CA PRO B 304 -12.43 -23.18 -17.54
C PRO B 304 -11.67 -24.43 -17.95
N LYS B 305 -11.28 -24.51 -19.21
CA LYS B 305 -10.55 -25.66 -19.71
C LYS B 305 -9.19 -25.82 -19.03
N MET B 306 -8.52 -24.70 -18.77
CA MET B 306 -7.19 -24.76 -18.16
C MET B 306 -7.32 -25.36 -16.75
N ILE B 307 -8.35 -24.95 -16.02
CA ILE B 307 -8.54 -25.49 -14.68
C ILE B 307 -8.82 -26.99 -14.81
N GLN B 308 -9.60 -27.32 -15.82
CA GLN B 308 -9.97 -28.71 -16.07
C GLN B 308 -8.75 -29.58 -16.44
N ASP B 309 -7.86 -29.05 -17.28
CA ASP B 309 -6.67 -29.78 -17.68
C ASP B 309 -5.81 -30.03 -16.44
N TRP B 310 -5.70 -29.01 -15.62
CA TRP B 310 -4.89 -29.08 -14.42
C TRP B 310 -5.44 -30.12 -13.48
N LEU B 311 -6.76 -30.17 -13.39
CA LEU B 311 -7.45 -31.10 -12.51
C LEU B 311 -7.19 -32.59 -12.70
N VAL B 312 -6.61 -32.99 -13.83
CA VAL B 312 -6.33 -34.42 -14.05
C VAL B 312 -5.32 -34.96 -13.06
N ASP B 313 -4.15 -34.31 -13.00
CA ASP B 313 -3.11 -34.72 -12.06
C ASP B 313 -2.96 -33.81 -10.82
N ARG B 314 -3.23 -32.52 -10.99
CA ARG B 314 -3.14 -31.56 -9.89
C ARG B 314 -1.73 -31.50 -9.32
N SER B 315 -0.76 -31.19 -10.17
CA SER B 315 0.63 -31.12 -9.72
C SER B 315 0.99 -29.71 -9.32
N ILE B 316 1.66 -29.58 -8.18
CA ILE B 316 2.08 -28.27 -7.71
C ILE B 316 3.05 -27.67 -8.74
N GLU B 317 3.51 -28.50 -9.67
CA GLU B 317 4.44 -28.07 -10.70
C GLU B 317 3.71 -27.34 -11.81
N LYS B 318 2.46 -27.72 -12.03
CA LYS B 318 1.65 -27.08 -13.05
C LYS B 318 0.60 -26.18 -12.42
N PHE B 319 0.80 -25.84 -11.15
CA PHE B 319 -0.10 -24.98 -10.41
C PHE B 319 0.06 -23.50 -10.80
N PRO B 320 1.28 -23.06 -11.13
CA PRO B 320 1.51 -21.66 -11.51
C PRO B 320 0.41 -21.04 -12.39
N LEU B 321 -0.19 -21.85 -13.28
CA LEU B 321 -1.25 -21.36 -14.16
C LEU B 321 -2.49 -20.99 -13.37
N MET B 322 -2.81 -21.80 -12.36
CA MET B 322 -3.98 -21.56 -11.53
C MET B 322 -3.82 -20.24 -10.78
N ALA B 323 -2.62 -20.00 -10.27
CA ALA B 323 -2.25 -18.80 -9.55
C ALA B 323 -2.33 -17.59 -10.49
N LYS B 324 -1.88 -17.80 -11.73
CA LYS B 324 -1.82 -16.73 -12.70
C LYS B 324 -3.23 -16.24 -13.02
N ILE B 325 -4.16 -17.16 -13.14
CA ILE B 325 -5.55 -16.80 -13.43
C ILE B 325 -6.19 -16.04 -12.25
N TYR B 326 -5.88 -16.50 -11.03
CA TYR B 326 -6.44 -15.92 -9.82
C TYR B 326 -5.99 -14.46 -9.70
N SER B 327 -4.74 -14.16 -10.00
CA SER B 327 -4.18 -12.80 -9.98
C SER B 327 -4.78 -11.93 -11.07
N TRP B 328 -4.98 -12.56 -12.21
CA TRP B 328 -5.50 -11.96 -13.43
C TRP B 328 -6.92 -11.40 -13.41
N SER B 329 -7.82 -12.10 -12.73
CA SER B 329 -9.21 -11.72 -12.73
C SER B 329 -9.38 -10.35 -12.12
N PHE B 330 -8.64 -10.05 -11.06
CA PHE B 330 -8.78 -8.73 -10.44
C PHE B 330 -8.57 -7.53 -11.37
N HIS B 331 -7.73 -7.71 -12.38
CA HIS B 331 -7.43 -6.62 -13.32
C HIS B 331 -8.51 -6.33 -14.34
N VAL B 332 -9.74 -6.69 -14.01
CA VAL B 332 -10.89 -6.43 -14.89
C VAL B 332 -11.41 -5.01 -14.60
N GLY B 333 -11.22 -4.58 -13.35
CA GLY B 333 -11.64 -3.25 -12.92
C GLY B 333 -12.38 -3.34 -11.60
N PHE B 334 -12.56 -2.19 -10.96
CA PHE B 334 -13.29 -2.15 -9.70
C PHE B 334 -14.78 -2.28 -9.94
N ARG B 335 -15.51 -2.83 -8.98
CA ARG B 335 -16.96 -2.93 -9.11
C ARG B 335 -17.59 -1.77 -8.32
N LYS B 336 -17.84 -0.67 -9.00
CA LYS B 336 -18.42 0.49 -8.38
C LYS B 336 -19.93 0.60 -8.64
N GLN B 337 -20.74 0.14 -7.67
CA GLN B 337 -22.19 0.19 -7.76
C GLN B 337 -22.72 1.55 -7.25
N LYS B 338 -24.04 1.60 -7.03
CA LYS B 338 -24.68 2.81 -6.51
C LYS B 338 -24.83 2.68 -4.99
N MET B 339 -24.47 3.74 -4.28
CA MET B 339 -24.52 3.75 -2.83
C MET B 339 -25.71 3.00 -2.26
N LEU B 340 -26.87 3.17 -2.87
CA LEU B 340 -28.08 2.51 -2.37
C LEU B 340 -28.06 0.98 -2.46
N ASP B 341 -27.59 0.47 -3.59
CA ASP B 341 -27.51 -0.98 -3.79
C ASP B 341 -26.51 -1.61 -2.83
N ALA B 342 -25.36 -0.95 -2.65
CA ALA B 342 -24.32 -1.45 -1.76
C ALA B 342 -24.88 -1.48 -0.36
N ALA B 343 -25.63 -0.43 -0.04
CA ALA B 343 -26.30 -0.24 1.24
C ALA B 343 -27.40 -1.27 1.49
N LEU B 344 -28.15 -1.59 0.45
CA LEU B 344 -29.30 -2.48 0.51
C LEU B 344 -29.11 -3.93 0.90
N ASP B 345 -28.08 -4.58 0.39
CA ASP B 345 -27.87 -6.00 0.72
C ASP B 345 -28.05 -6.30 2.21
N GLN B 346 -27.53 -5.43 3.07
CA GLN B 346 -27.63 -5.61 4.51
C GLN B 346 -29.06 -5.85 4.98
N GLU B 358 -30.69 -16.24 20.18
CA GLU B 358 -30.87 -17.24 21.21
C GLU B 358 -29.66 -18.18 21.23
N MET B 359 -28.99 -18.31 20.09
CA MET B 359 -27.82 -19.15 19.98
C MET B 359 -26.53 -18.33 19.84
N TYR B 360 -26.62 -17.05 20.18
CA TYR B 360 -25.48 -16.15 20.14
C TYR B 360 -24.98 -15.93 21.55
N ARG B 361 -25.52 -16.69 22.51
CA ARG B 361 -25.14 -16.51 23.90
C ARG B 361 -23.68 -16.89 24.08
N GLU B 362 -23.26 -17.98 23.45
CA GLU B 362 -21.87 -18.38 23.52
C GLU B 362 -20.96 -17.39 22.80
N TYR B 363 -21.42 -16.92 21.64
CA TYR B 363 -20.66 -15.99 20.82
C TYR B 363 -20.49 -14.63 21.47
N THR B 364 -21.56 -14.12 22.07
CA THR B 364 -21.50 -12.84 22.77
C THR B 364 -20.60 -12.85 24.00
N MET B 365 -20.67 -13.97 24.73
CA MET B 365 -19.91 -14.13 25.96
C MET B 365 -18.42 -14.10 25.66
N LEU B 366 -18.04 -14.75 24.55
CA LEU B 366 -16.65 -14.78 24.14
C LEU B 366 -16.15 -13.39 23.77
N ILE B 367 -16.98 -12.63 23.07
CA ILE B 367 -16.60 -11.29 22.66
C ILE B 367 -16.44 -10.43 23.92
N ARG B 368 -17.34 -10.60 24.87
CA ARG B 368 -17.28 -9.85 26.12
C ARG B 368 -16.04 -10.23 26.94
N ASP B 369 -15.72 -11.51 27.02
CA ASP B 369 -14.56 -11.98 27.77
C ASP B 369 -13.24 -11.50 27.18
N GLU B 370 -13.16 -11.52 25.85
CA GLU B 370 -11.99 -11.10 25.11
C GLU B 370 -11.75 -9.61 25.35
N VAL B 371 -12.82 -8.84 25.39
CA VAL B 371 -12.71 -7.40 25.62
C VAL B 371 -12.13 -7.16 27.01
N VAL B 372 -12.56 -7.97 27.98
CA VAL B 372 -12.10 -7.87 29.35
C VAL B 372 -10.61 -8.20 29.52
N LYS B 373 -10.13 -9.24 28.84
CA LYS B 373 -8.72 -9.62 28.98
C LYS B 373 -7.78 -8.53 28.46
N MET B 374 -8.16 -7.94 27.34
CA MET B 374 -7.35 -6.92 26.71
C MET B 374 -7.24 -5.62 27.51
N LEU B 375 -8.14 -5.42 28.47
CA LEU B 375 -8.13 -4.17 29.23
C LEU B 375 -8.11 -4.34 30.75
N GLU B 376 -8.11 -5.59 31.18
CA GLU B 376 -8.11 -5.91 32.60
C GLU B 376 -6.95 -5.25 33.31
N GLU B 377 -5.72 -5.54 32.87
CA GLU B 377 -4.53 -4.98 33.47
C GLU B 377 -4.44 -3.48 33.32
N PRO B 378 -4.76 -2.94 32.14
CA PRO B 378 -4.65 -1.49 32.06
C PRO B 378 -5.62 -0.79 33.00
N VAL B 379 -6.84 -1.30 33.06
CA VAL B 379 -7.87 -0.75 33.93
C VAL B 379 -7.65 -0.89 35.43
N LYS B 380 -7.18 -2.06 35.86
CA LYS B 380 -6.99 -2.30 37.29
C LYS B 380 -5.89 -1.41 37.86
N HIS B 381 -4.80 -1.31 37.11
CA HIS B 381 -3.66 -0.48 37.49
C HIS B 381 -3.94 1.01 37.51
N ASP B 382 -4.70 1.48 36.53
CA ASP B 382 -5.08 2.88 36.39
C ASP B 382 -4.15 3.49 35.38
N ASP B 383 -4.06 2.80 34.24
CA ASP B 383 -3.22 3.21 33.14
C ASP B 383 -3.43 4.70 32.86
N HIS B 384 -2.32 5.41 32.69
CA HIS B 384 -2.36 6.84 32.45
C HIS B 384 -3.04 7.11 31.12
N LEU B 385 -2.77 6.25 30.13
CA LEU B 385 -3.31 6.44 28.79
C LEU B 385 -4.82 6.36 28.86
N LEU B 386 -5.34 5.43 29.65
CA LEU B 386 -6.78 5.34 29.80
C LEU B 386 -7.32 6.63 30.48
N ARG B 387 -6.59 7.13 31.48
CA ARG B 387 -6.99 8.35 32.18
C ARG B 387 -6.93 9.59 31.27
N ASP B 388 -5.89 9.69 30.45
CA ASP B 388 -5.74 10.85 29.58
C ASP B 388 -6.14 10.50 28.16
N SER B 389 -7.05 9.54 28.04
CA SER B 389 -7.53 9.08 26.74
C SER B 389 -7.93 10.21 25.79
N GLU B 390 -8.58 11.24 26.33
CA GLU B 390 -9.03 12.34 25.49
C GLU B 390 -7.87 13.09 24.87
N LEU B 391 -6.82 13.28 25.66
CA LEU B 391 -5.65 14.01 25.19
C LEU B 391 -4.97 13.23 24.06
N ALA B 392 -4.94 11.92 24.23
CA ALA B 392 -4.33 10.99 23.27
C ALA B 392 -5.12 11.05 21.97
N GLY B 393 -6.45 11.13 22.07
CA GLY B 393 -7.28 11.19 20.89
C GLY B 393 -7.00 12.45 20.08
N LEU B 394 -6.78 13.57 20.78
CA LEU B 394 -6.54 14.84 20.09
C LEU B 394 -5.22 14.85 19.32
N LEU B 395 -4.17 14.30 19.93
CA LEU B 395 -2.88 14.25 19.27
C LEU B 395 -2.95 13.32 18.06
N SER B 396 -3.66 12.20 18.24
CA SER B 396 -3.88 11.20 17.18
C SER B 396 -4.74 11.73 16.03
N MET B 397 -5.78 12.50 16.35
CA MET B 397 -6.69 13.09 15.37
C MET B 397 -6.08 13.39 14.01
N SER B 398 -6.80 13.02 12.96
CA SER B 398 -6.33 13.24 11.60
C SER B 398 -6.95 14.49 11.03
N SER B 399 -6.94 14.62 9.72
CA SER B 399 -7.51 15.77 9.05
C SER B 399 -8.45 15.32 7.94
N ALA B 400 -9.14 14.21 8.21
CA ALA B 400 -10.08 13.64 7.26
C ALA B 400 -11.46 14.25 7.48
N SER B 401 -12.47 13.73 6.79
CA SER B 401 -13.83 14.26 6.91
C SER B 401 -14.52 13.97 8.24
N ASN B 402 -15.32 14.93 8.67
CA ASN B 402 -16.04 14.80 9.92
C ASN B 402 -17.51 14.51 9.58
N GLY B 403 -17.88 14.78 8.33
CA GLY B 403 -19.23 14.51 7.87
C GLY B 403 -19.91 15.67 7.16
N GLU B 404 -19.94 16.85 7.81
CA GLU B 404 -20.59 18.03 7.26
C GLU B 404 -19.61 19.13 6.87
N SER B 405 -19.94 19.87 5.83
CA SER B 405 -19.08 20.97 5.39
C SER B 405 -19.47 22.22 6.17
N ARG B 406 -18.70 22.52 7.22
CA ARG B 406 -18.95 23.68 8.05
C ARG B 406 -18.31 24.94 7.52
N GLN B 407 -18.87 26.09 7.92
CA GLN B 407 -18.34 27.39 7.52
C GLN B 407 -17.42 27.74 8.67
N LEU B 408 -16.17 28.03 8.35
CA LEU B 408 -15.20 28.35 9.39
C LEU B 408 -14.49 29.69 9.21
N LYS B 409 -14.30 30.37 10.34
CA LYS B 409 -13.64 31.67 10.37
C LYS B 409 -12.29 31.54 11.05
N PHE B 410 -11.26 31.87 10.29
CA PHE B 410 -9.89 31.79 10.78
C PHE B 410 -9.26 33.16 10.67
N GLY B 411 -8.87 33.71 11.83
CA GLY B 411 -8.25 35.01 11.86
C GLY B 411 -9.21 36.04 11.31
N ARG B 412 -9.05 36.37 10.04
CA ARG B 412 -9.90 37.36 9.40
C ARG B 412 -10.40 36.81 8.06
N LYS B 413 -10.53 35.49 7.99
CA LYS B 413 -10.98 34.84 6.77
C LYS B 413 -12.06 33.77 7.00
N THR B 414 -13.13 33.88 6.23
CA THR B 414 -14.24 32.94 6.33
C THR B 414 -14.11 31.95 5.18
N ILE B 415 -13.89 30.69 5.52
CA ILE B 415 -13.74 29.63 4.54
C ILE B 415 -14.49 28.38 5.02
N PHE B 416 -14.77 27.46 4.12
CA PHE B 416 -15.47 26.23 4.50
C PHE B 416 -14.61 24.98 4.35
N SER B 417 -14.75 24.06 5.30
CA SER B 417 -13.98 22.82 5.31
C SER B 417 -14.77 21.70 5.96
N THR B 418 -14.35 20.47 5.67
CA THR B 418 -15.01 19.28 6.22
C THR B 418 -14.02 18.57 7.14
N LYS B 419 -12.76 19.03 7.09
CA LYS B 419 -11.66 18.46 7.87
C LYS B 419 -11.90 18.36 9.37
N LYS B 420 -11.57 17.21 9.92
CA LYS B 420 -11.76 16.92 11.33
C LYS B 420 -10.90 17.83 12.21
N ASN B 421 -9.67 18.09 11.77
CA ASN B 421 -8.76 18.92 12.55
C ASN B 421 -9.32 20.34 12.63
N MET B 422 -9.88 20.82 11.52
CA MET B 422 -10.45 22.16 11.45
C MET B 422 -11.69 22.28 12.35
N HIS B 423 -12.53 21.25 12.36
CA HIS B 423 -13.74 21.28 13.15
C HIS B 423 -13.48 21.31 14.64
N VAL B 424 -12.48 20.56 15.09
CA VAL B 424 -12.15 20.52 16.51
C VAL B 424 -11.65 21.89 17.00
N MET B 425 -10.83 22.56 16.20
CA MET B 425 -10.31 23.86 16.60
C MET B 425 -11.40 24.93 16.69
N ASP B 426 -12.30 24.94 15.71
CA ASP B 426 -13.36 25.93 15.67
C ASP B 426 -14.31 25.73 16.85
N ASP B 427 -14.62 24.48 17.15
CA ASP B 427 -15.52 24.17 18.25
C ASP B 427 -14.94 24.55 19.59
N MET B 428 -13.63 24.31 19.78
CA MET B 428 -12.98 24.67 21.05
C MET B 428 -12.96 26.18 21.26
N ALA B 429 -12.69 26.92 20.18
CA ALA B 429 -12.65 28.37 20.25
C ALA B 429 -14.03 28.97 20.46
N ASN B 430 -15.06 28.15 20.54
CA ASN B 430 -16.42 28.63 20.73
C ASN B 430 -17.21 27.80 21.73
N GLU B 431 -16.53 27.35 22.78
CA GLU B 431 -17.16 26.56 23.83
C GLU B 431 -17.97 25.38 23.30
N ARG B 432 -17.97 25.21 21.98
CA ARG B 432 -18.69 24.11 21.33
C ARG B 432 -18.02 22.74 21.45
N TYR B 433 -16.70 22.74 21.66
CA TYR B 433 -15.98 21.50 21.82
C TYR B 433 -16.51 20.77 23.05
N THR B 434 -17.16 19.63 22.83
CA THR B 434 -17.71 18.86 23.94
C THR B 434 -17.64 17.35 23.69
N PRO B 435 -16.48 16.74 23.99
CA PRO B 435 -16.25 15.30 23.81
C PRO B 435 -16.91 14.48 24.91
N GLY B 436 -17.59 15.18 25.82
CA GLY B 436 -18.26 14.48 26.89
C GLY B 436 -19.60 13.99 26.39
N ILE B 437 -20.09 14.68 25.37
CA ILE B 437 -21.37 14.35 24.76
C ILE B 437 -21.10 13.66 23.43
N ILE B 438 -21.45 12.38 23.35
CA ILE B 438 -21.25 11.62 22.13
C ILE B 438 -22.50 11.73 21.25
N PRO B 439 -22.44 12.62 20.24
CA PRO B 439 -23.54 12.88 19.30
C PRO B 439 -24.30 11.64 18.87
N PRO B 440 -25.58 11.81 18.53
CA PRO B 440 -26.42 10.68 18.09
C PRO B 440 -26.11 10.37 16.63
N VAL B 441 -26.47 9.16 16.20
CA VAL B 441 -26.23 8.76 14.82
C VAL B 441 -27.49 8.08 14.29
N ASN B 442 -28.65 8.58 14.74
CA ASN B 442 -29.92 8.03 14.31
C ASN B 442 -30.66 8.93 13.34
N VAL B 443 -31.99 8.76 13.30
CA VAL B 443 -32.85 9.51 12.41
C VAL B 443 -32.71 11.04 12.49
N ASP B 444 -32.34 11.54 13.66
CA ASP B 444 -32.17 12.97 13.84
C ASP B 444 -30.84 13.46 13.27
N LYS B 445 -29.79 12.67 13.49
CA LYS B 445 -28.46 13.02 13.00
C LYS B 445 -27.91 11.84 12.20
N PRO B 446 -28.40 11.63 10.97
CA PRO B 446 -28.00 10.55 10.07
C PRO B 446 -26.52 10.57 9.72
N ILE B 447 -25.89 9.39 9.79
CA ILE B 447 -24.47 9.23 9.49
C ILE B 447 -24.14 9.45 8.00
N PRO B 448 -23.23 10.38 7.69
CA PRO B 448 -22.86 10.63 6.28
C PRO B 448 -22.20 9.33 5.82
N LEU B 449 -22.14 9.08 4.51
CA LEU B 449 -21.54 7.83 4.05
C LEU B 449 -20.35 7.89 3.13
N GLY B 450 -19.44 6.95 3.35
CA GLY B 450 -18.26 6.84 2.52
C GLY B 450 -18.34 5.48 1.85
N ARG B 451 -17.49 5.24 0.84
CA ARG B 451 -17.52 3.96 0.15
C ARG B 451 -16.16 3.28 0.01
N ARG B 452 -16.22 1.94 -0.12
CA ARG B 452 -15.03 1.13 -0.27
C ARG B 452 -15.20 0.27 -1.53
N ASP B 453 -14.41 0.57 -2.54
CA ASP B 453 -14.46 -0.18 -3.79
C ASP B 453 -13.28 -1.13 -3.96
N VAL B 454 -13.59 -2.37 -4.32
CA VAL B 454 -12.59 -3.41 -4.52
C VAL B 454 -12.95 -4.23 -5.75
N PRO B 455 -11.95 -4.81 -6.43
CA PRO B 455 -12.24 -5.60 -7.62
C PRO B 455 -12.85 -6.93 -7.22
N GLY B 456 -13.74 -7.44 -8.06
CA GLY B 456 -14.37 -8.73 -7.79
C GLY B 456 -15.39 -8.80 -6.68
N ARG B 457 -15.21 -8.01 -5.63
CA ARG B 457 -16.14 -8.02 -4.52
C ARG B 457 -17.14 -6.88 -4.61
N ARG B 458 -18.23 -7.01 -3.86
CA ARG B 458 -19.30 -6.00 -3.84
C ARG B 458 -18.93 -4.74 -3.07
N THR B 459 -19.47 -3.60 -3.48
CA THR B 459 -19.21 -2.32 -2.82
C THR B 459 -19.79 -2.29 -1.40
N ARG B 460 -19.02 -1.73 -0.48
CA ARG B 460 -19.44 -1.59 0.91
C ARG B 460 -19.48 -0.11 1.28
N ILE B 461 -20.25 0.22 2.31
CA ILE B 461 -20.37 1.62 2.74
C ILE B 461 -19.51 1.92 3.97
N ILE B 462 -19.24 3.21 4.18
CA ILE B 462 -18.40 3.61 5.29
C ILE B 462 -19.01 4.74 6.11
N PHE B 463 -19.00 4.59 7.44
CA PHE B 463 -19.51 5.60 8.37
C PHE B 463 -18.54 6.76 8.55
N ILE B 464 -18.94 7.97 8.20
CA ILE B 464 -18.09 9.14 8.41
C ILE B 464 -18.63 9.80 9.68
N LEU B 465 -18.39 9.14 10.82
CA LEU B 465 -18.81 9.61 12.14
C LEU B 465 -18.06 10.87 12.59
N PRO B 466 -18.67 11.64 13.50
CA PRO B 466 -18.08 12.88 14.05
C PRO B 466 -16.85 12.54 14.90
N TYR B 467 -15.89 13.48 14.96
CA TYR B 467 -14.67 13.26 15.73
C TYR B 467 -14.88 12.87 17.20
N GLU B 468 -16.09 12.99 17.70
CA GLU B 468 -16.35 12.65 19.09
C GLU B 468 -16.08 11.17 19.21
N TYR B 469 -16.49 10.44 18.19
CA TYR B 469 -16.32 8.99 18.15
C TYR B 469 -14.84 8.52 18.13
N PHE B 470 -14.01 9.20 17.34
CA PHE B 470 -12.61 8.82 17.27
C PHE B 470 -11.88 9.01 18.59
N ILE B 471 -12.15 10.14 19.26
CA ILE B 471 -11.52 10.44 20.54
C ILE B 471 -11.96 9.46 21.62
N ALA B 472 -13.24 9.15 21.63
CA ALA B 472 -13.79 8.25 22.63
C ALA B 472 -13.34 6.81 22.46
N GLN B 473 -12.80 6.50 21.28
CA GLN B 473 -12.36 5.15 20.99
C GLN B 473 -10.86 4.94 20.77
N HIS B 474 -10.11 6.02 20.55
CA HIS B 474 -8.69 5.85 20.26
C HIS B 474 -7.80 5.25 21.35
N ALA B 475 -7.97 5.63 22.61
CA ALA B 475 -7.14 5.06 23.66
C ALA B 475 -7.41 3.58 23.92
N VAL B 476 -8.68 3.22 23.93
CA VAL B 476 -9.10 1.84 24.20
C VAL B 476 -8.68 0.86 23.11
N VAL B 477 -8.79 1.29 21.86
CA VAL B 477 -8.43 0.47 20.70
C VAL B 477 -6.94 0.18 20.72
N GLU B 478 -6.15 1.19 21.09
CA GLU B 478 -4.70 1.03 21.15
C GLU B 478 -4.34 0.01 22.23
N LYS B 479 -5.03 0.05 23.36
CA LYS B 479 -4.77 -0.90 24.42
C LYS B 479 -5.08 -2.31 23.94
N MET B 480 -6.17 -2.44 23.18
CA MET B 480 -6.57 -3.74 22.64
C MET B 480 -5.55 -4.27 21.66
N LEU B 481 -5.02 -3.38 20.82
CA LEU B 481 -4.03 -3.73 19.81
C LEU B 481 -2.77 -4.25 20.50
N ILE B 482 -2.40 -3.63 21.61
CA ILE B 482 -1.22 -4.04 22.37
C ILE B 482 -1.42 -5.44 22.89
N TYR B 483 -2.63 -5.78 23.33
CA TYR B 483 -2.86 -7.15 23.81
C TYR B 483 -2.69 -8.13 22.63
N ALA B 484 -3.19 -7.73 21.48
CA ALA B 484 -3.12 -8.55 20.28
C ALA B 484 -1.66 -8.74 19.87
N LYS B 485 -0.90 -7.65 19.94
CA LYS B 485 0.50 -7.67 19.54
C LYS B 485 1.25 -8.88 20.10
N HIS B 486 0.91 -9.29 21.31
CA HIS B 486 1.58 -10.43 21.92
C HIS B 486 0.70 -11.68 22.01
N THR B 487 -0.40 -11.66 21.27
CA THR B 487 -1.34 -12.79 21.21
C THR B 487 -1.27 -13.32 19.78
N ARG B 488 -0.98 -14.61 19.63
CA ARG B 488 -0.82 -15.19 18.31
C ARG B 488 -2.07 -15.41 17.50
N GLU B 489 -3.19 -15.67 18.16
CA GLU B 489 -4.45 -15.86 17.43
C GLU B 489 -4.68 -14.72 16.44
N TYR B 490 -4.13 -13.55 16.78
CA TYR B 490 -4.24 -12.37 15.94
C TYR B 490 -3.08 -12.21 14.97
N ALA B 491 -3.11 -13.04 13.93
CA ALA B 491 -2.09 -13.09 12.89
C ALA B 491 -1.63 -11.72 12.38
N GLU B 492 -2.58 -10.82 12.14
CA GLU B 492 -2.25 -9.49 11.62
C GLU B 492 -1.62 -8.51 12.61
N PHE B 493 -1.71 -8.79 13.90
CA PHE B 493 -1.14 -7.88 14.89
C PHE B 493 0.02 -8.45 15.70
N TYR B 494 0.19 -9.78 15.68
CA TYR B 494 1.26 -10.42 16.46
C TYR B 494 2.69 -10.00 16.14
N SER B 495 3.45 -9.73 17.22
CA SER B 495 4.85 -9.35 17.13
C SER B 495 5.15 -8.46 15.92
N GLN B 496 6.36 -8.60 15.38
CA GLN B 496 6.79 -7.82 14.22
C GLN B 496 6.68 -8.72 13.00
N SER B 497 6.02 -9.86 13.20
CA SER B 497 5.81 -10.86 12.17
C SER B 497 5.32 -10.35 10.84
N ASN B 498 5.58 -11.13 9.80
CA ASN B 498 5.13 -10.84 8.43
C ASN B 498 4.33 -12.08 7.98
N GLN B 499 3.86 -12.05 6.73
CA GLN B 499 3.05 -13.15 6.23
C GLN B 499 3.73 -14.52 6.19
N LEU B 500 5.06 -14.53 6.12
CA LEU B 500 5.80 -15.78 6.05
C LEU B 500 5.62 -16.61 7.28
N LEU B 501 5.60 -15.98 8.44
CA LEU B 501 5.42 -16.68 9.70
C LEU B 501 4.04 -17.34 9.75
N SER B 502 3.02 -16.62 9.25
CA SER B 502 1.65 -17.15 9.21
C SER B 502 1.62 -18.39 8.29
N TYR B 503 2.34 -18.31 7.18
CA TYR B 503 2.43 -19.40 6.23
C TYR B 503 3.09 -20.58 6.92
N GLY B 504 4.10 -20.28 7.72
CA GLY B 504 4.82 -21.30 8.43
C GLY B 504 3.98 -22.01 9.46
N ASP B 505 3.15 -21.27 10.16
CA ASP B 505 2.31 -21.85 11.21
C ASP B 505 1.29 -22.88 10.72
N VAL B 506 0.64 -22.64 9.59
CA VAL B 506 -0.34 -23.60 9.07
C VAL B 506 0.31 -24.90 8.67
N THR B 507 1.45 -24.82 8.01
CA THR B 507 2.19 -25.99 7.53
C THR B 507 2.75 -26.83 8.67
N ARG B 508 3.25 -26.17 9.71
CA ARG B 508 3.83 -26.83 10.87
C ARG B 508 3.14 -28.10 11.32
N PHE B 509 1.85 -28.03 11.63
CA PHE B 509 1.11 -29.18 12.12
C PHE B 509 0.41 -30.06 11.11
N LEU B 510 0.59 -29.79 9.82
CA LEU B 510 -0.03 -30.61 8.79
C LEU B 510 0.54 -32.03 8.73
N SER B 511 -0.34 -33.00 8.92
CA SER B 511 0.02 -34.40 8.89
C SER B 511 -1.22 -35.22 8.51
N ASN B 512 -1.04 -36.52 8.32
CA ASN B 512 -2.15 -37.39 7.94
C ASN B 512 -3.23 -37.60 9.00
N ASN B 513 -3.13 -36.89 10.12
CA ASN B 513 -4.14 -37.04 11.16
C ASN B 513 -4.69 -35.69 11.61
N THR B 514 -4.58 -34.71 10.72
CA THR B 514 -5.07 -33.37 11.01
C THR B 514 -5.66 -32.78 9.74
N MET B 515 -6.58 -31.82 9.91
CA MET B 515 -7.22 -31.14 8.78
C MET B 515 -7.39 -29.65 9.06
N VAL B 516 -7.09 -28.83 8.06
CA VAL B 516 -7.22 -27.38 8.21
C VAL B 516 -8.65 -26.91 7.86
N LEU B 517 -9.13 -25.90 8.58
CA LEU B 517 -10.48 -25.38 8.38
C LEU B 517 -10.46 -23.87 8.14
N TYR B 518 -10.45 -23.44 6.89
CA TYR B 518 -10.46 -22.01 6.59
C TYR B 518 -11.89 -21.50 6.32
N THR B 519 -12.14 -20.22 6.60
CA THR B 519 -13.47 -19.66 6.42
C THR B 519 -13.48 -18.16 6.12
N ASP B 520 -14.22 -17.78 5.08
CA ASP B 520 -14.35 -16.38 4.68
C ASP B 520 -15.55 -15.85 5.48
N VAL B 521 -15.34 -14.82 6.27
CA VAL B 521 -16.41 -14.27 7.07
C VAL B 521 -16.73 -12.82 6.72
N SER B 522 -16.43 -12.42 5.50
CA SER B 522 -16.69 -11.05 5.08
C SER B 522 -18.20 -10.72 5.09
N GLN B 523 -19.01 -11.68 4.65
CA GLN B 523 -20.46 -11.51 4.63
C GLN B 523 -21.08 -11.38 6.02
N TRP B 524 -20.58 -12.16 6.98
CA TRP B 524 -21.11 -12.13 8.35
C TRP B 524 -20.91 -10.78 9.05
N ASP B 525 -19.75 -10.17 8.85
CA ASP B 525 -19.47 -8.88 9.47
C ASP B 525 -20.48 -7.81 9.07
N SER B 526 -21.03 -7.93 7.86
CA SER B 526 -22.01 -6.98 7.37
C SER B 526 -23.44 -7.40 7.69
N SER B 527 -23.61 -8.60 8.22
CA SER B 527 -24.91 -9.15 8.59
C SER B 527 -25.57 -8.42 9.74
N GLN B 528 -26.89 -8.23 9.65
CA GLN B 528 -27.67 -7.54 10.69
C GLN B 528 -27.83 -8.47 11.88
N HIS B 529 -27.71 -9.76 11.61
CA HIS B 529 -27.82 -10.78 12.65
C HIS B 529 -26.67 -10.53 13.61
N ASN B 530 -25.53 -10.19 13.03
CA ASN B 530 -24.28 -9.92 13.73
C ASN B 530 -24.24 -8.72 14.68
N THR B 531 -24.88 -7.61 14.30
CA THR B 531 -24.77 -6.37 15.06
C THR B 531 -25.29 -6.40 16.49
N GLN B 532 -26.41 -7.06 16.75
CA GLN B 532 -26.88 -7.11 18.13
C GLN B 532 -25.86 -7.77 19.07
N PRO B 533 -25.50 -9.03 18.82
CA PRO B 533 -24.53 -9.75 19.67
C PRO B 533 -23.18 -9.05 19.75
N PHE B 534 -22.85 -8.26 18.72
CA PHE B 534 -21.59 -7.56 18.64
C PHE B 534 -21.45 -6.41 19.62
N ARG B 535 -22.32 -5.41 19.46
CA ARG B 535 -22.28 -4.23 20.33
C ARG B 535 -22.58 -4.64 21.76
N LYS B 536 -23.52 -5.56 21.93
CA LYS B 536 -23.88 -6.02 23.25
C LYS B 536 -22.71 -6.72 23.90
N GLY B 537 -21.97 -7.50 23.14
CA GLY B 537 -20.83 -8.21 23.69
C GLY B 537 -19.75 -7.26 24.18
N ILE B 538 -19.47 -6.21 23.40
CA ILE B 538 -18.46 -5.22 23.78
C ILE B 538 -18.89 -4.45 25.02
N ILE B 539 -20.16 -4.06 25.04
CA ILE B 539 -20.75 -3.29 26.13
C ILE B 539 -20.76 -4.10 27.43
N MET B 540 -21.06 -5.38 27.33
CA MET B 540 -21.09 -6.22 28.51
C MET B 540 -19.68 -6.26 29.10
N GLY B 541 -18.70 -6.33 28.21
CA GLY B 541 -17.31 -6.37 28.61
C GLY B 541 -16.89 -5.06 29.28
N LEU B 542 -17.38 -3.96 28.73
CA LEU B 542 -17.05 -2.64 29.24
C LEU B 542 -17.57 -2.45 30.66
N ASP B 543 -18.75 -2.96 30.95
CA ASP B 543 -19.33 -2.85 32.29
C ASP B 543 -18.47 -3.58 33.32
N ILE B 544 -17.97 -4.76 32.95
CA ILE B 544 -17.13 -5.54 33.85
C ILE B 544 -15.86 -4.77 34.15
N LEU B 545 -15.31 -4.15 33.11
CA LEU B 545 -14.08 -3.36 33.24
C LEU B 545 -14.32 -2.17 34.16
N ALA B 546 -15.49 -1.56 34.02
CA ALA B 546 -15.85 -0.40 34.82
C ALA B 546 -15.93 -0.80 36.30
N ASN B 547 -16.46 -1.99 36.57
CA ASN B 547 -16.55 -2.48 37.95
C ASN B 547 -15.20 -2.96 38.45
N MET B 548 -14.13 -2.59 37.77
CA MET B 548 -12.78 -3.00 38.16
C MET B 548 -11.98 -1.86 38.77
N THR B 549 -12.45 -0.62 38.58
CA THR B 549 -11.76 0.54 39.13
C THR B 549 -12.76 1.59 39.61
N ASN B 550 -12.24 2.67 40.16
CA ASN B 550 -13.07 3.76 40.66
C ASN B 550 -12.54 5.06 40.10
N ASP B 551 -11.42 4.95 39.38
CA ASP B 551 -10.77 6.11 38.80
C ASP B 551 -11.77 6.92 37.96
N ALA B 552 -11.88 8.21 38.26
CA ALA B 552 -12.81 9.07 37.54
C ALA B 552 -12.43 9.17 36.07
N LYS B 553 -11.14 9.30 35.80
CA LYS B 553 -10.67 9.41 34.42
C LYS B 553 -10.91 8.10 33.67
N VAL B 554 -10.64 6.98 34.33
CA VAL B 554 -10.82 5.68 33.70
C VAL B 554 -12.26 5.33 33.40
N LEU B 555 -13.16 5.63 34.34
CA LEU B 555 -14.58 5.33 34.14
C LEU B 555 -15.20 6.16 33.03
N GLN B 556 -14.87 7.44 32.97
CA GLN B 556 -15.43 8.31 31.95
C GLN B 556 -14.96 7.95 30.53
N THR B 557 -13.67 7.65 30.39
CA THR B 557 -13.13 7.27 29.08
C THR B 557 -13.76 5.93 28.70
N LEU B 558 -13.85 5.05 29.68
CA LEU B 558 -14.44 3.73 29.53
C LEU B 558 -15.93 3.87 29.25
N ASN B 559 -16.57 4.79 29.96
CA ASN B 559 -18.01 5.06 29.83
C ASN B 559 -18.39 5.64 28.47
N LEU B 560 -17.56 6.54 27.95
CA LEU B 560 -17.79 7.19 26.67
C LEU B 560 -17.76 6.12 25.56
N TYR B 561 -16.86 5.16 25.71
CA TYR B 561 -16.70 4.08 24.74
C TYR B 561 -17.99 3.29 24.72
N LYS B 562 -18.59 3.10 25.89
CA LYS B 562 -19.84 2.37 26.01
C LYS B 562 -20.92 3.14 25.25
N GLN B 563 -20.88 4.45 25.33
CA GLN B 563 -21.87 5.29 24.67
C GLN B 563 -21.83 5.17 23.15
N THR B 564 -20.64 5.08 22.55
CA THR B 564 -20.52 5.00 21.11
C THR B 564 -21.18 3.70 20.63
N GLN B 565 -21.01 2.63 21.37
CA GLN B 565 -21.63 1.37 20.99
C GLN B 565 -23.15 1.46 21.04
N ILE B 566 -23.66 2.11 22.09
CA ILE B 566 -25.09 2.29 22.27
C ILE B 566 -25.72 3.15 21.19
N ASN B 567 -25.05 4.24 20.80
CA ASN B 567 -25.57 5.12 19.77
C ASN B 567 -25.66 4.40 18.44
N LEU B 568 -24.64 3.61 18.14
CA LEU B 568 -24.58 2.84 16.90
C LEU B 568 -25.64 1.75 16.81
N MET B 569 -25.89 1.07 17.93
CA MET B 569 -26.90 0.01 18.00
C MET B 569 -28.11 0.30 17.08
N ASP B 570 -28.55 1.56 17.07
CA ASP B 570 -29.67 1.97 16.23
C ASP B 570 -29.32 3.25 15.45
N SER B 571 -28.61 3.08 14.34
CA SER B 571 -28.18 4.22 13.54
C SER B 571 -29.02 4.42 12.29
N TYR B 572 -28.81 5.56 11.64
CA TYR B 572 -29.53 5.94 10.43
C TYR B 572 -28.52 6.49 9.46
N VAL B 573 -28.67 6.16 8.18
CA VAL B 573 -27.73 6.58 7.17
C VAL B 573 -28.27 7.50 6.06
N GLN B 574 -27.40 8.37 5.56
CA GLN B 574 -27.72 9.30 4.50
C GLN B 574 -27.27 8.71 3.17
N ILE B 575 -28.17 7.99 2.51
CA ILE B 575 -27.83 7.35 1.25
C ILE B 575 -28.28 8.19 0.05
N PRO B 576 -27.33 8.70 -0.74
CA PRO B 576 -27.72 9.49 -1.91
C PRO B 576 -28.56 8.61 -2.86
N ASP B 577 -29.46 9.24 -3.61
CA ASP B 577 -30.31 8.53 -4.54
C ASP B 577 -30.56 9.45 -5.72
N GLY B 578 -29.49 9.76 -6.45
CA GLY B 578 -29.59 10.65 -7.60
C GLY B 578 -28.98 11.98 -7.20
N ASN B 579 -29.84 12.90 -6.77
CA ASN B 579 -29.40 14.20 -6.32
C ASN B 579 -30.19 14.48 -5.06
N VAL B 580 -30.64 13.40 -4.43
CA VAL B 580 -31.41 13.45 -3.20
C VAL B 580 -30.68 12.62 -2.16
N ILE B 581 -30.94 12.86 -0.88
CA ILE B 581 -30.26 12.10 0.16
C ILE B 581 -31.25 11.42 1.09
N LYS B 582 -31.89 10.36 0.60
CA LYS B 582 -32.84 9.61 1.41
C LYS B 582 -32.17 9.08 2.68
N LYS B 583 -32.82 9.26 3.82
CA LYS B 583 -32.26 8.81 5.08
C LYS B 583 -32.92 7.51 5.44
N ILE B 584 -32.14 6.44 5.56
CA ILE B 584 -32.69 5.13 5.89
C ILE B 584 -32.09 4.54 7.18
N GLN B 585 -32.86 3.71 7.87
CA GLN B 585 -32.41 3.09 9.12
C GLN B 585 -31.49 1.90 8.84
N TYR B 586 -30.18 2.11 9.02
CA TYR B 586 -29.19 1.07 8.80
C TYR B 586 -29.02 0.26 10.07
N GLY B 587 -29.22 -1.05 9.98
CA GLY B 587 -29.09 -1.89 11.16
C GLY B 587 -27.96 -2.91 11.08
N ALA B 588 -26.89 -2.53 10.40
CA ALA B 588 -25.75 -3.43 10.26
C ALA B 588 -24.47 -2.73 10.70
N VAL B 589 -23.44 -3.53 10.99
CA VAL B 589 -22.16 -2.97 11.41
C VAL B 589 -21.30 -2.62 10.21
N ALA B 590 -21.29 -1.35 9.82
CA ALA B 590 -20.45 -0.89 8.71
C ALA B 590 -19.14 -0.52 9.38
N SER B 591 -18.17 -0.06 8.62
CA SER B 591 -16.91 0.30 9.25
C SER B 591 -16.57 1.79 9.05
N GLY B 592 -15.80 2.33 10.00
CA GLY B 592 -15.41 3.71 9.94
C GLY B 592 -14.90 4.03 11.32
N GLU B 593 -15.36 3.25 12.29
CA GLU B 593 -14.97 3.40 13.68
C GLU B 593 -13.46 3.23 13.85
N LYS B 594 -13.00 3.43 15.07
CA LYS B 594 -11.58 3.29 15.38
C LYS B 594 -11.39 1.81 15.68
N GLN B 595 -12.40 1.20 16.26
CA GLN B 595 -12.34 -0.22 16.64
C GLN B 595 -12.68 -1.18 15.49
N THR B 596 -12.82 -0.64 14.28
CA THR B 596 -13.16 -1.48 13.13
C THR B 596 -12.31 -2.76 13.04
N LYS B 597 -11.01 -2.60 12.77
CA LYS B 597 -10.15 -3.78 12.65
C LYS B 597 -10.00 -4.60 13.92
N ALA B 598 -9.82 -3.95 15.06
CA ALA B 598 -9.66 -4.72 16.29
C ALA B 598 -10.93 -5.46 16.66
N ALA B 599 -12.07 -4.77 16.52
CA ALA B 599 -13.37 -5.34 16.88
C ALA B 599 -13.77 -6.49 15.98
N ASN B 600 -13.50 -6.29 14.69
CA ASN B 600 -13.80 -7.30 13.71
C ASN B 600 -12.94 -8.54 14.00
N SER B 601 -11.69 -8.31 14.38
CA SER B 601 -10.80 -9.40 14.70
C SER B 601 -11.29 -10.14 15.93
N ILE B 602 -11.73 -9.39 16.92
CA ILE B 602 -12.22 -10.01 18.15
C ILE B 602 -13.48 -10.83 17.84
N ALA B 603 -14.35 -10.27 17.02
CA ALA B 603 -15.58 -10.94 16.62
C ALA B 603 -15.33 -12.21 15.75
N ASN B 604 -14.41 -12.11 14.79
CA ASN B 604 -14.12 -13.23 13.90
C ASN B 604 -13.54 -14.40 14.68
N LEU B 605 -12.65 -14.09 15.62
CA LEU B 605 -12.04 -15.11 16.46
C LEU B 605 -13.09 -15.72 17.37
N ALA B 606 -13.99 -14.89 17.87
CA ALA B 606 -15.07 -15.36 18.76
C ALA B 606 -15.96 -16.32 18.01
N LEU B 607 -16.23 -15.99 16.74
CA LEU B 607 -17.09 -16.84 15.91
C LEU B 607 -16.49 -18.23 15.63
N ILE B 608 -15.19 -18.28 15.34
CA ILE B 608 -14.54 -19.56 15.07
C ILE B 608 -14.54 -20.42 16.31
N LYS B 609 -14.31 -19.78 17.46
CA LYS B 609 -14.25 -20.50 18.71
C LYS B 609 -15.62 -21.10 18.95
N THR B 610 -16.67 -20.34 18.62
CA THR B 610 -18.03 -20.83 18.80
C THR B 610 -18.32 -22.03 17.89
N VAL B 611 -17.87 -21.97 16.65
CA VAL B 611 -18.08 -23.08 15.71
C VAL B 611 -17.35 -24.35 16.12
N LEU B 612 -16.11 -24.20 16.54
CA LEU B 612 -15.29 -25.34 16.94
C LEU B 612 -15.84 -26.02 18.18
N SER B 613 -16.31 -25.23 19.13
CA SER B 613 -16.84 -25.77 20.36
C SER B 613 -18.09 -26.62 20.10
N ARG B 614 -18.96 -26.14 19.21
CA ARG B 614 -20.20 -26.83 18.87
C ARG B 614 -19.97 -28.16 18.17
N ILE B 615 -19.00 -28.18 17.26
CA ILE B 615 -18.62 -29.35 16.48
C ILE B 615 -18.09 -30.51 17.28
N SER B 616 -17.30 -30.21 18.31
CA SER B 616 -16.63 -31.24 19.08
C SER B 616 -17.63 -32.17 19.76
N ASN B 617 -18.73 -31.64 20.29
CA ASN B 617 -19.73 -32.51 20.90
C ASN B 617 -19.87 -33.80 20.06
N LYS B 618 -19.71 -33.66 18.73
CA LYS B 618 -19.79 -34.79 17.82
C LYS B 618 -18.44 -35.49 17.63
N HIS B 619 -17.47 -34.78 17.05
CA HIS B 619 -16.15 -35.35 16.80
C HIS B 619 -15.11 -34.91 17.81
N SER B 620 -14.08 -35.72 18.02
CA SER B 620 -13.00 -35.40 18.93
C SER B 620 -11.75 -35.03 18.14
N PHE B 621 -11.24 -33.83 18.40
CA PHE B 621 -10.06 -33.34 17.72
C PHE B 621 -9.22 -32.48 18.67
N ALA B 622 -8.05 -32.07 18.23
CA ALA B 622 -7.17 -31.24 19.03
C ALA B 622 -6.99 -29.92 18.30
N THR B 623 -6.96 -28.84 19.07
CA THR B 623 -6.80 -27.51 18.47
C THR B 623 -5.33 -27.11 18.43
N LYS B 624 -4.65 -27.50 17.36
CA LYS B 624 -3.25 -27.18 17.21
C LYS B 624 -3.09 -25.69 17.11
N ILE B 625 -3.94 -25.04 16.31
CA ILE B 625 -3.89 -23.59 16.17
C ILE B 625 -5.22 -23.00 15.73
N ILE B 626 -5.50 -21.77 16.18
CA ILE B 626 -6.71 -21.06 15.78
C ILE B 626 -6.22 -19.69 15.36
N ARG B 627 -6.76 -19.17 14.26
CA ARG B 627 -6.32 -17.86 13.79
C ARG B 627 -7.39 -17.02 13.11
N VAL B 628 -7.26 -15.72 13.26
CA VAL B 628 -8.15 -14.76 12.64
C VAL B 628 -7.21 -13.76 11.99
N ASP B 629 -7.40 -13.48 10.71
CA ASP B 629 -6.54 -12.54 10.03
C ASP B 629 -7.37 -11.81 8.98
N GLY B 630 -7.82 -10.60 9.30
CA GLY B 630 -8.60 -9.87 8.34
C GLY B 630 -9.99 -10.46 8.27
N ASP B 631 -10.52 -10.56 7.04
CA ASP B 631 -11.87 -11.10 6.82
C ASP B 631 -11.97 -12.63 6.78
N ASP B 632 -10.90 -13.29 7.21
CA ASP B 632 -10.83 -14.74 7.22
C ASP B 632 -10.37 -15.23 8.57
N ASN B 633 -10.70 -16.49 8.87
CA ASN B 633 -10.29 -17.11 10.12
C ASN B 633 -10.08 -18.56 9.80
N TYR B 634 -9.21 -19.24 10.56
CA TYR B 634 -8.96 -20.65 10.31
C TYR B 634 -8.41 -21.39 11.51
N ALA B 635 -8.42 -22.71 11.42
CA ALA B 635 -7.92 -23.55 12.51
C ALA B 635 -7.33 -24.85 11.97
N VAL B 636 -6.52 -25.48 12.82
CA VAL B 636 -5.87 -26.75 12.49
C VAL B 636 -6.28 -27.74 13.57
N LEU B 637 -6.97 -28.80 13.15
CA LEU B 637 -7.43 -29.81 14.10
C LEU B 637 -6.70 -31.14 13.96
N GLN B 638 -6.56 -31.85 15.07
CA GLN B 638 -5.87 -33.12 15.09
C GLN B 638 -6.78 -34.19 15.63
N PHE B 639 -6.91 -35.30 14.89
CA PHE B 639 -7.77 -36.40 15.29
C PHE B 639 -6.94 -37.57 15.80
N ASN B 640 -7.55 -38.41 16.62
CA ASN B 640 -6.86 -39.58 17.17
C ASN B 640 -6.72 -40.72 16.16
N THR B 641 -7.23 -40.50 14.95
CA THR B 641 -7.16 -41.49 13.89
C THR B 641 -6.80 -40.81 12.57
N GLU B 642 -6.54 -41.62 11.56
CA GLU B 642 -6.19 -41.08 10.25
C GLU B 642 -7.41 -40.47 9.61
N VAL B 643 -7.21 -39.34 8.92
CA VAL B 643 -8.31 -38.64 8.27
C VAL B 643 -8.68 -39.29 6.95
N THR B 644 -9.98 -39.42 6.71
CA THR B 644 -10.46 -40.01 5.47
C THR B 644 -11.34 -38.98 4.75
N LYS B 645 -11.74 -39.31 3.53
CA LYS B 645 -12.57 -38.42 2.72
C LYS B 645 -13.90 -38.28 3.45
N GLN B 646 -14.37 -39.38 4.03
CA GLN B 646 -15.62 -39.38 4.78
C GLN B 646 -15.53 -38.48 5.98
N MET B 647 -14.39 -38.50 6.66
CA MET B 647 -14.19 -37.68 7.85
C MET B 647 -14.24 -36.19 7.51
N ILE B 648 -13.63 -35.81 6.40
CA ILE B 648 -13.61 -34.42 6.00
C ILE B 648 -15.03 -33.94 5.70
N GLN B 649 -15.81 -34.77 5.03
CA GLN B 649 -17.19 -34.42 4.70
C GLN B 649 -18.04 -34.24 5.94
N ASP B 650 -17.88 -35.13 6.91
CA ASP B 650 -18.65 -35.05 8.14
C ASP B 650 -18.30 -33.82 8.95
N VAL B 651 -17.02 -33.48 9.05
CA VAL B 651 -16.58 -32.30 9.78
C VAL B 651 -17.08 -31.06 9.08
N SER B 652 -16.98 -31.05 7.76
CA SER B 652 -17.40 -29.92 6.93
C SER B 652 -18.90 -29.63 6.96
N ASN B 653 -19.71 -30.68 6.93
CA ASN B 653 -21.14 -30.50 6.92
C ASN B 653 -21.59 -29.88 8.22
N ASP B 654 -21.02 -30.37 9.31
CA ASP B 654 -21.35 -29.87 10.64
C ASP B 654 -20.93 -28.41 10.82
N VAL B 655 -19.75 -28.06 10.32
CA VAL B 655 -19.27 -26.69 10.45
C VAL B 655 -20.14 -25.73 9.66
N ARG B 656 -20.53 -26.13 8.44
CA ARG B 656 -21.39 -25.28 7.61
C ARG B 656 -22.75 -25.16 8.28
N GLU B 657 -23.20 -26.28 8.83
CA GLU B 657 -24.47 -26.36 9.51
C GLU B 657 -24.47 -25.45 10.74
N THR B 658 -23.37 -25.44 11.49
CA THR B 658 -23.27 -24.61 12.67
C THR B 658 -23.34 -23.14 12.26
N TYR B 659 -22.66 -22.80 11.17
CA TYR B 659 -22.65 -21.45 10.64
C TYR B 659 -24.06 -21.08 10.19
N ALA B 660 -24.73 -22.06 9.59
CA ALA B 660 -26.09 -21.91 9.07
C ALA B 660 -27.10 -21.60 10.15
N ARG B 661 -26.97 -22.26 11.30
CA ARG B 661 -27.90 -22.04 12.38
C ARG B 661 -27.77 -20.61 12.84
N MET B 662 -26.55 -20.09 12.90
CA MET B 662 -26.32 -18.71 13.31
C MET B 662 -26.75 -17.71 12.25
N ASN B 663 -27.27 -18.21 11.13
CA ASN B 663 -27.72 -17.37 10.04
C ASN B 663 -26.60 -16.54 9.43
N ALA B 664 -25.42 -17.14 9.32
CA ALA B 664 -24.27 -16.46 8.75
C ALA B 664 -23.93 -17.04 7.37
N LYS B 665 -24.01 -16.20 6.34
CA LYS B 665 -23.69 -16.62 4.99
C LYS B 665 -22.19 -16.52 4.81
N VAL B 666 -21.50 -17.62 5.12
CA VAL B 666 -20.05 -17.67 5.01
C VAL B 666 -19.55 -18.88 4.22
N LYS B 667 -18.35 -18.74 3.65
CA LYS B 667 -17.75 -19.84 2.92
C LYS B 667 -16.89 -20.62 3.91
N ALA B 668 -17.14 -21.93 4.03
CA ALA B 668 -16.38 -22.75 4.95
C ALA B 668 -15.91 -24.03 4.28
N LEU B 669 -14.59 -24.18 4.15
CA LEU B 669 -14.00 -25.37 3.53
C LEU B 669 -13.11 -26.13 4.51
N VAL B 670 -12.86 -27.40 4.23
CA VAL B 670 -12.00 -28.23 5.08
C VAL B 670 -11.04 -29.08 4.23
N SER B 671 -9.75 -28.96 4.52
CA SER B 671 -8.74 -29.70 3.77
C SER B 671 -7.58 -30.13 4.67
N THR B 672 -6.62 -30.84 4.10
CA THR B 672 -5.46 -31.30 4.84
C THR B 672 -4.15 -30.85 4.22
N VAL B 673 -4.19 -29.90 3.30
CA VAL B 673 -2.97 -29.46 2.66
C VAL B 673 -2.88 -27.95 2.39
N GLY B 674 -4.02 -27.34 2.07
CA GLY B 674 -4.00 -25.91 1.79
C GLY B 674 -5.08 -25.06 2.45
N ILE B 675 -5.04 -23.76 2.13
CA ILE B 675 -6.00 -22.81 2.66
C ILE B 675 -5.95 -21.57 1.77
N GLU B 676 -7.07 -20.87 1.68
CA GLU B 676 -7.13 -19.66 0.87
C GLU B 676 -7.84 -18.54 1.64
N ILE B 677 -7.21 -17.36 1.68
CA ILE B 677 -7.79 -16.22 2.37
C ILE B 677 -7.43 -14.96 1.62
N ALA B 678 -8.18 -13.88 1.86
CA ALA B 678 -7.96 -12.63 1.14
C ALA B 678 -6.50 -12.17 0.99
N LYS B 679 -5.71 -12.34 2.03
CA LYS B 679 -4.33 -11.89 2.00
C LYS B 679 -3.34 -12.88 1.39
N ARG B 680 -3.48 -14.16 1.71
CA ARG B 680 -2.53 -15.15 1.20
C ARG B 680 -3.13 -16.54 0.93
N TYR B 681 -2.48 -17.35 0.11
CA TYR B 681 -2.97 -18.71 -0.10
C TYR B 681 -1.81 -19.68 -0.14
N ILE B 682 -2.06 -20.88 0.39
CA ILE B 682 -1.02 -21.91 0.47
C ILE B 682 -1.39 -23.20 -0.26
N ALA B 683 -0.83 -23.39 -1.45
CA ALA B 683 -1.11 -24.57 -2.24
C ALA B 683 0.15 -25.41 -2.33
N GLY B 684 -0.01 -26.73 -2.29
CA GLY B 684 1.14 -27.61 -2.39
C GLY B 684 2.32 -27.22 -1.51
N GLY B 685 2.05 -26.87 -0.26
CA GLY B 685 3.10 -26.48 0.68
C GLY B 685 3.80 -25.17 0.35
N LYS B 686 3.43 -24.53 -0.75
CA LYS B 686 4.06 -23.27 -1.14
C LYS B 686 3.11 -22.11 -0.80
N ILE B 687 3.67 -20.90 -0.75
CA ILE B 687 2.92 -19.69 -0.43
C ILE B 687 2.69 -18.84 -1.67
N PHE B 688 1.47 -18.33 -1.80
CA PHE B 688 1.12 -17.49 -2.94
C PHE B 688 0.39 -16.22 -2.50
N PHE B 689 0.60 -15.14 -3.23
CA PHE B 689 -0.01 -13.85 -2.92
C PHE B 689 -0.63 -13.27 -4.18
N ARG B 690 -1.95 -13.17 -4.21
CA ARG B 690 -2.64 -12.62 -5.37
C ARG B 690 -1.95 -11.38 -5.90
N ALA B 691 -1.76 -11.30 -7.21
CA ALA B 691 -1.10 -10.16 -7.82
C ALA B 691 -2.12 -9.35 -8.58
N GLY B 692 -3.17 -8.91 -7.90
CA GLY B 692 -4.20 -8.15 -8.57
C GLY B 692 -4.34 -6.67 -8.28
N ILE B 693 -3.25 -5.90 -8.32
CA ILE B 693 -3.32 -4.48 -8.05
C ILE B 693 -3.52 -3.79 -9.37
N ASN B 694 -4.65 -3.09 -9.52
CA ASN B 694 -4.93 -2.38 -10.79
C ASN B 694 -3.94 -1.24 -11.04
N LEU B 695 -3.59 -1.02 -12.30
CA LEU B 695 -2.63 -0.01 -12.67
C LEU B 695 -3.21 1.25 -13.27
N LEU B 696 -4.01 1.11 -14.31
CA LEU B 696 -4.61 2.26 -14.98
C LEU B 696 -6.02 2.62 -14.50
N ASN B 697 -6.40 2.12 -13.33
CA ASN B 697 -7.69 2.43 -12.72
C ASN B 697 -7.54 2.36 -11.22
N ASN B 698 -8.00 3.41 -10.52
CA ASN B 698 -7.91 3.47 -9.07
C ASN B 698 -9.27 3.33 -8.38
N GLU B 699 -9.26 3.11 -7.07
CA GLU B 699 -10.50 2.99 -6.32
C GLU B 699 -11.20 4.33 -6.21
N LYS B 700 -10.46 5.35 -5.79
CA LYS B 700 -10.99 6.70 -5.62
C LYS B 700 -9.95 7.77 -5.88
N ARG B 701 -10.41 9.02 -5.98
CA ARG B 701 -9.53 10.14 -6.24
C ARG B 701 -8.98 10.68 -4.92
N GLY B 702 -7.69 11.03 -4.92
CA GLY B 702 -7.08 11.55 -3.72
C GLY B 702 -6.70 13.00 -3.88
N GLN B 703 -5.48 13.35 -3.47
CA GLN B 703 -5.00 14.71 -3.57
C GLN B 703 -3.53 14.71 -3.98
N SER B 704 -3.00 13.52 -4.25
CA SER B 704 -1.60 13.39 -4.66
C SER B 704 -1.43 14.00 -6.06
N THR B 705 -0.18 14.24 -6.43
CA THR B 705 0.10 14.82 -7.74
C THR B 705 0.34 13.70 -8.77
N GLN B 706 0.57 14.11 -10.02
CA GLN B 706 0.84 13.14 -11.08
C GLN B 706 2.13 12.40 -10.76
N TRP B 707 3.12 13.14 -10.25
CA TRP B 707 4.41 12.55 -9.91
C TRP B 707 4.22 11.54 -8.80
N ASP B 708 3.36 11.85 -7.84
CA ASP B 708 3.10 10.93 -6.75
C ASP B 708 2.47 9.67 -7.32
N GLN B 709 1.58 9.89 -8.29
CA GLN B 709 0.87 8.80 -8.94
C GLN B 709 1.80 7.89 -9.77
N ALA B 710 2.75 8.50 -10.47
CA ALA B 710 3.70 7.77 -11.29
C ALA B 710 4.54 6.88 -10.35
N ALA B 711 4.94 7.41 -9.21
CA ALA B 711 5.72 6.64 -8.24
C ALA B 711 4.89 5.48 -7.72
N ILE B 712 3.61 5.73 -7.49
CA ILE B 712 2.66 4.72 -7.01
C ILE B 712 2.44 3.63 -8.04
N LEU B 713 2.35 4.02 -9.32
CA LEU B 713 2.15 3.05 -10.39
C LEU B 713 3.36 2.13 -10.44
N TYR B 714 4.56 2.71 -10.33
CA TYR B 714 5.79 1.91 -10.35
C TYR B 714 5.83 1.00 -9.13
N SER B 715 5.39 1.53 -7.99
CA SER B 715 5.38 0.76 -6.76
C SER B 715 4.43 -0.39 -6.94
N ASN B 716 3.31 -0.12 -7.60
CA ASN B 716 2.28 -1.13 -7.86
C ASN B 716 2.86 -2.19 -8.80
N TYR B 717 3.62 -1.72 -9.78
CA TYR B 717 4.25 -2.61 -10.75
C TYR B 717 5.23 -3.52 -10.03
N ILE B 718 6.00 -2.98 -9.09
CA ILE B 718 6.97 -3.80 -8.38
C ILE B 718 6.30 -4.87 -7.52
N VAL B 719 5.23 -4.53 -6.84
CA VAL B 719 4.56 -5.51 -5.99
C VAL B 719 3.92 -6.64 -6.82
N ASN B 720 3.30 -6.28 -7.94
CA ASN B 720 2.63 -7.26 -8.81
C ASN B 720 3.68 -8.20 -9.40
N ARG B 721 4.80 -7.61 -9.81
CA ARG B 721 5.88 -8.37 -10.41
C ARG B 721 6.44 -9.39 -9.43
N LEU B 722 6.58 -9.02 -8.17
CA LEU B 722 7.05 -9.94 -7.14
C LEU B 722 6.00 -11.04 -6.94
N ARG B 723 4.72 -10.65 -6.98
CA ARG B 723 3.60 -11.56 -6.78
C ARG B 723 3.19 -12.43 -7.97
N GLY B 724 3.82 -12.25 -9.13
CA GLY B 724 3.50 -13.08 -10.27
C GLY B 724 2.88 -12.40 -11.49
N PHE B 725 2.45 -11.15 -11.34
CA PHE B 725 1.83 -10.43 -12.43
C PHE B 725 2.82 -9.39 -12.90
N GLU B 726 3.30 -9.54 -14.12
CA GLU B 726 4.27 -8.57 -14.64
C GLU B 726 3.76 -7.78 -15.82
N THR B 727 3.91 -6.46 -15.76
CA THR B 727 3.47 -5.60 -16.85
C THR B 727 4.78 -5.10 -17.47
N ASP B 728 4.87 -5.19 -18.79
CA ASP B 728 6.07 -4.74 -19.50
C ASP B 728 6.64 -3.46 -18.87
N ARG B 729 7.93 -3.50 -18.57
CA ARG B 729 8.66 -2.40 -17.95
C ARG B 729 8.68 -1.19 -18.87
N GLU B 730 8.83 -1.44 -20.16
CA GLU B 730 8.88 -0.36 -21.14
C GLU B 730 7.55 0.35 -21.09
N PHE B 731 6.46 -0.38 -20.96
CA PHE B 731 5.18 0.31 -20.88
C PHE B 731 5.12 1.17 -19.63
N ILE B 732 5.62 0.64 -18.51
CA ILE B 732 5.62 1.39 -17.23
C ILE B 732 6.50 2.65 -17.38
N LEU B 733 7.62 2.49 -18.07
CA LEU B 733 8.51 3.60 -18.27
C LEU B 733 7.83 4.67 -19.10
N THR B 734 7.08 4.25 -20.11
CA THR B 734 6.41 5.17 -21.01
C THR B 734 5.38 5.96 -20.23
N LYS B 735 4.68 5.29 -19.32
CA LYS B 735 3.64 5.94 -18.51
C LYS B 735 4.26 6.98 -17.62
N ILE B 736 5.42 6.65 -17.05
CA ILE B 736 6.12 7.59 -16.17
C ILE B 736 6.54 8.84 -16.97
N MET B 737 6.96 8.66 -18.22
CA MET B 737 7.38 9.81 -19.00
C MET B 737 6.22 10.74 -19.23
N GLN B 738 5.04 10.19 -19.54
CA GLN B 738 3.88 11.05 -19.78
C GLN B 738 3.42 11.77 -18.51
N MET B 739 3.40 11.01 -17.42
CA MET B 739 2.98 11.51 -16.13
C MET B 739 3.86 12.59 -15.48
N THR B 740 5.16 12.43 -15.61
CA THR B 740 6.12 13.35 -15.01
C THR B 740 6.39 14.60 -15.82
N SER B 741 5.98 14.62 -17.08
CA SER B 741 6.23 15.81 -17.91
C SER B 741 5.58 17.06 -17.32
N VAL B 742 6.01 18.22 -17.81
CA VAL B 742 5.47 19.50 -17.36
C VAL B 742 5.37 20.47 -18.53
N ALA B 743 4.19 21.05 -18.69
CA ALA B 743 3.97 21.99 -19.79
C ALA B 743 4.50 23.36 -19.43
N ILE B 744 5.25 23.95 -20.36
CA ILE B 744 5.78 25.29 -20.15
C ILE B 744 4.77 26.26 -20.79
N THR B 745 4.26 25.85 -21.94
CA THR B 745 3.27 26.63 -22.68
C THR B 745 2.33 25.63 -23.34
N GLY B 746 2.00 25.87 -24.60
CA GLY B 746 1.09 25.00 -25.30
C GLY B 746 1.82 24.10 -26.28
N SER B 747 2.97 24.56 -26.74
CA SER B 747 3.76 23.80 -27.70
C SER B 747 5.12 23.44 -27.10
N LEU B 748 5.30 23.81 -25.84
CA LEU B 748 6.56 23.56 -25.14
C LEU B 748 6.33 22.64 -23.93
N ARG B 749 6.80 21.41 -24.03
CA ARG B 749 6.65 20.43 -22.96
C ARG B 749 8.03 19.96 -22.49
N LEU B 750 8.20 19.88 -21.17
CA LEU B 750 9.47 19.47 -20.56
C LEU B 750 9.41 18.07 -19.97
N PHE B 751 10.39 17.24 -20.31
CA PHE B 751 10.45 15.86 -19.82
C PHE B 751 11.68 15.60 -18.97
N PRO B 752 11.48 15.28 -17.68
CA PRO B 752 12.58 15.00 -16.75
C PRO B 752 13.42 13.80 -17.17
N SER B 753 14.72 13.87 -16.94
CA SER B 753 15.64 12.79 -17.32
C SER B 753 15.65 11.64 -16.33
N GLU B 754 16.38 10.59 -16.69
CA GLU B 754 16.49 9.41 -15.86
C GLU B 754 17.17 9.77 -14.55
N ARG B 755 18.18 10.62 -14.64
CA ARG B 755 18.91 11.04 -13.46
C ARG B 755 18.03 11.82 -12.50
N VAL B 756 17.20 12.71 -13.03
CA VAL B 756 16.32 13.49 -12.15
C VAL B 756 15.29 12.60 -11.46
N LEU B 757 14.69 11.70 -12.24
CA LEU B 757 13.70 10.75 -11.76
C LEU B 757 14.10 9.63 -10.80
N THR B 758 15.28 9.05 -11.02
CA THR B 758 15.73 7.94 -10.20
C THR B 758 16.68 8.21 -9.03
N THR B 759 17.46 9.28 -9.11
CA THR B 759 18.39 9.60 -8.03
C THR B 759 17.65 9.72 -6.68
N ASN B 760 18.29 9.29 -5.60
CA ASN B 760 17.64 9.35 -4.29
C ASN B 760 17.51 10.79 -3.84
N SER B 761 16.42 11.44 -4.23
CA SER B 761 16.16 12.83 -3.85
C SER B 761 14.73 12.97 -3.42
N THR B 762 14.27 14.21 -3.33
CA THR B 762 12.89 14.48 -2.91
C THR B 762 11.94 14.36 -4.10
N PHE B 763 12.51 14.11 -5.26
CA PHE B 763 11.75 13.96 -6.49
C PHE B 763 11.95 12.59 -7.15
N LYS B 764 12.31 11.59 -6.36
CA LYS B 764 12.54 10.26 -6.89
C LYS B 764 11.22 9.55 -7.17
N VAL B 765 11.16 8.86 -8.32
CA VAL B 765 9.96 8.14 -8.70
C VAL B 765 10.18 6.62 -8.82
N PHE B 766 11.37 6.22 -9.26
CA PHE B 766 11.66 4.79 -9.38
C PHE B 766 13.16 4.49 -9.46
N ASP B 767 13.52 3.25 -9.15
CA ASP B 767 14.92 2.84 -9.20
C ASP B 767 15.33 2.51 -10.64
N SER B 768 16.41 3.12 -11.11
CA SER B 768 16.90 2.87 -12.45
C SER B 768 16.94 1.39 -12.79
N GLU B 769 17.03 0.56 -11.76
CA GLU B 769 17.07 -0.90 -11.92
C GLU B 769 16.17 -1.50 -10.84
N ASP B 770 15.19 -2.28 -11.27
CA ASP B 770 14.25 -2.91 -10.35
C ASP B 770 14.90 -3.76 -9.28
N PHE B 771 14.47 -3.54 -8.05
CA PHE B 771 14.96 -4.26 -6.87
C PHE B 771 16.31 -3.79 -6.37
N ILE B 772 16.85 -2.73 -6.97
CA ILE B 772 18.14 -2.21 -6.57
C ILE B 772 18.09 -0.71 -6.37
N ILE B 773 18.28 -0.27 -5.13
CA ILE B 773 18.28 1.16 -4.82
C ILE B 773 19.70 1.73 -4.86
N GLU B 774 19.92 2.70 -5.73
CA GLU B 774 21.23 3.32 -5.87
C GLU B 774 21.33 4.61 -5.03
N TYR B 775 22.57 5.01 -4.74
CA TYR B 775 22.83 6.23 -3.97
C TYR B 775 23.99 6.93 -4.63
N GLY B 776 23.87 8.24 -4.84
CA GLY B 776 24.92 9.00 -5.49
C GLY B 776 26.36 8.58 -5.21
N THR B 777 27.11 8.33 -6.27
CA THR B 777 28.51 7.93 -6.14
C THR B 777 29.39 8.74 -7.08
N THR B 778 28.81 9.80 -7.66
CA THR B 778 29.53 10.70 -8.58
C THR B 778 29.20 12.15 -8.17
N VAL B 779 30.07 13.07 -8.54
CA VAL B 779 29.87 14.47 -8.15
C VAL B 779 28.62 15.08 -8.77
N ASP B 780 28.35 14.78 -10.03
CA ASP B 780 27.17 15.34 -10.69
C ASP B 780 25.92 14.83 -10.00
N GLU B 781 25.92 13.56 -9.61
CA GLU B 781 24.77 12.99 -8.93
C GLU B 781 24.58 13.69 -7.59
N VAL B 782 25.69 13.94 -6.92
CA VAL B 782 25.66 14.61 -5.62
C VAL B 782 25.17 16.05 -5.80
N TYR B 783 25.61 16.70 -6.87
CA TYR B 783 25.26 18.09 -7.12
C TYR B 783 23.76 18.19 -7.34
N ILE B 784 23.20 17.26 -8.09
CA ILE B 784 21.76 17.24 -8.34
C ILE B 784 20.96 16.95 -7.07
N GLN B 785 21.47 16.03 -6.25
CA GLN B 785 20.76 15.64 -5.05
C GLN B 785 20.65 16.82 -4.10
N ARG B 786 21.73 17.58 -3.97
CA ARG B 786 21.73 18.75 -3.09
C ARG B 786 20.79 19.84 -3.57
N ALA B 787 20.77 20.05 -4.89
CA ALA B 787 19.90 21.06 -5.49
C ALA B 787 18.40 20.79 -5.33
N PHE B 788 17.99 19.53 -5.49
CA PHE B 788 16.58 19.17 -5.36
C PHE B 788 16.05 19.39 -3.97
N MET B 789 16.87 19.08 -2.98
CA MET B 789 16.48 19.22 -1.58
C MET B 789 16.24 20.71 -1.30
N SER B 790 17.08 21.57 -1.87
CA SER B 790 16.95 23.01 -1.70
C SER B 790 15.51 23.48 -1.86
N LEU B 791 14.77 22.83 -2.76
CA LEU B 791 13.38 23.17 -3.01
C LEU B 791 12.45 22.01 -2.69
N SER B 792 12.57 21.49 -1.46
CA SER B 792 11.75 20.37 -1.03
C SER B 792 10.36 20.80 -0.57
N SER B 793 10.31 21.67 0.44
CA SER B 793 9.05 22.17 0.98
C SER B 793 8.74 23.57 0.46
N GLN B 794 7.53 23.76 -0.05
CA GLN B 794 7.13 25.06 -0.57
C GLN B 794 6.10 25.74 0.33
N LYS B 795 6.09 27.07 0.28
CA LYS B 795 5.18 27.86 1.10
C LYS B 795 3.73 27.88 0.62
N SER B 796 2.83 28.18 1.55
CA SER B 796 1.41 28.26 1.27
C SER B 796 0.77 29.41 2.04
N GLY B 797 0.49 30.51 1.34
CA GLY B 797 -0.12 31.66 1.98
C GLY B 797 -1.29 31.26 2.86
N ILE B 798 -2.26 30.60 2.26
CA ILE B 798 -3.44 30.15 2.99
C ILE B 798 -3.09 29.39 4.27
N ALA B 799 -2.01 28.61 4.20
CA ALA B 799 -1.56 27.82 5.32
C ALA B 799 -0.95 28.66 6.43
N ASP B 800 -0.30 29.76 6.05
CA ASP B 800 0.33 30.64 7.01
C ASP B 800 -0.74 31.42 7.77
N GLU B 801 -1.66 32.00 7.02
CA GLU B 801 -2.76 32.77 7.61
C GLU B 801 -3.39 31.98 8.74
N ILE B 802 -3.82 30.76 8.43
CA ILE B 802 -4.47 29.90 9.39
C ILE B 802 -3.52 29.40 10.47
N ALA B 803 -2.23 29.42 10.17
CA ALA B 803 -1.23 28.98 11.13
C ALA B 803 -0.98 30.12 12.12
N ALA B 804 -1.47 31.32 11.76
CA ALA B 804 -1.31 32.50 12.59
C ALA B 804 -2.61 32.83 13.33
N SER B 805 -3.72 32.32 12.82
CA SER B 805 -5.01 32.56 13.44
C SER B 805 -5.00 32.22 14.93
N SER B 806 -5.83 32.92 15.70
CA SER B 806 -5.92 32.70 17.14
C SER B 806 -6.35 31.26 17.39
N THR B 807 -7.57 30.95 16.97
CA THR B 807 -8.14 29.62 17.15
C THR B 807 -7.14 28.50 16.95
N PHE B 808 -6.15 28.74 16.09
CA PHE B 808 -5.13 27.74 15.81
C PHE B 808 -4.04 27.65 16.87
N LYS B 809 -3.49 28.81 17.23
CA LYS B 809 -2.42 28.90 18.21
C LYS B 809 -2.93 28.43 19.56
N ASN B 810 -4.17 28.79 19.88
CA ASN B 810 -4.77 28.41 21.15
C ASN B 810 -4.88 26.89 21.19
N TYR B 811 -5.24 26.29 20.05
CA TYR B 811 -5.37 24.84 19.98
C TYR B 811 -4.02 24.15 20.21
N VAL B 812 -2.97 24.70 19.63
CA VAL B 812 -1.64 24.14 19.82
C VAL B 812 -1.21 24.32 21.27
N THR B 813 -1.50 25.51 21.80
CA THR B 813 -1.15 25.86 23.17
C THR B 813 -1.94 25.02 24.14
N ARG B 814 -3.21 24.77 23.84
CA ARG B 814 -4.05 23.99 24.72
C ARG B 814 -3.56 22.56 24.80
N LEU B 815 -3.14 22.03 23.65
CA LEU B 815 -2.65 20.67 23.61
C LEU B 815 -1.35 20.53 24.39
N SER B 816 -0.47 21.51 24.24
CA SER B 816 0.82 21.51 24.92
C SER B 816 0.71 21.64 26.45
N GLU B 817 -0.18 22.52 26.91
CA GLU B 817 -0.35 22.73 28.35
C GLU B 817 -1.02 21.56 29.05
N GLN B 818 -1.68 20.72 28.28
CA GLN B 818 -2.37 19.55 28.82
C GLN B 818 -1.41 18.36 28.87
N LEU B 819 -0.44 18.36 27.96
CA LEU B 819 0.53 17.28 27.87
C LEU B 819 1.67 17.38 28.88
N LEU B 820 2.66 18.22 28.57
CA LEU B 820 3.83 18.37 29.41
C LEU B 820 3.64 19.22 30.68
N PHE B 821 4.65 19.16 31.55
CA PHE B 821 4.64 19.89 32.82
C PHE B 821 5.61 21.08 32.75
N SER B 822 6.90 20.78 32.80
CA SER B 822 7.94 21.80 32.73
C SER B 822 7.98 22.44 31.34
N LYS B 823 9.17 22.67 30.79
CA LYS B 823 9.23 23.31 29.48
C LYS B 823 9.23 22.46 28.21
N ASN B 824 8.53 23.04 27.26
CA ASN B 824 8.19 22.69 25.89
C ASN B 824 8.89 22.46 24.56
N ASN B 825 9.92 23.21 24.19
CA ASN B 825 10.27 23.34 22.78
C ASN B 825 10.69 22.18 21.93
N ILE B 826 11.49 21.19 22.32
CA ILE B 826 11.69 20.21 21.26
C ILE B 826 10.29 19.60 20.98
N VAL B 827 9.52 19.29 22.04
CA VAL B 827 8.16 18.79 21.87
C VAL B 827 7.15 19.79 21.26
N SER B 828 7.22 21.05 21.71
CA SER B 828 6.32 22.11 21.27
C SER B 828 6.44 22.51 19.81
N ARG B 829 7.67 22.56 19.32
CA ARG B 829 7.91 22.94 17.94
C ARG B 829 7.25 21.86 17.08
N GLY B 830 7.36 20.61 17.52
CA GLY B 830 6.79 19.50 16.78
C GLY B 830 5.28 19.50 16.69
N ILE B 831 4.61 19.83 17.80
CA ILE B 831 3.15 19.85 17.82
C ILE B 831 2.59 20.90 16.87
N ALA B 832 3.24 22.05 16.82
CA ALA B 832 2.79 23.12 15.96
C ALA B 832 2.87 22.72 14.49
N LEU B 833 3.95 22.05 14.12
CA LEU B 833 4.15 21.61 12.73
C LEU B 833 3.22 20.46 12.39
N THR B 834 3.17 19.46 13.26
CA THR B 834 2.29 18.30 13.05
C THR B 834 0.90 18.81 12.71
N GLU B 835 0.52 19.94 13.28
CA GLU B 835 -0.79 20.52 13.03
C GLU B 835 -0.79 21.38 11.79
N LYS B 836 0.35 22.01 11.50
CA LYS B 836 0.45 22.87 10.32
C LYS B 836 0.40 22.03 9.08
N ALA B 837 0.69 20.74 9.25
CA ALA B 837 0.71 19.79 8.14
C ALA B 837 -0.69 19.29 7.82
N LYS B 838 -1.43 18.90 8.86
CA LYS B 838 -2.77 18.40 8.68
C LYS B 838 -3.63 19.31 7.81
N LEU B 839 -3.18 20.54 7.58
CA LEU B 839 -3.92 21.49 6.77
C LEU B 839 -3.72 21.18 5.29
N ASN B 840 -2.88 20.17 5.02
CA ASN B 840 -2.56 19.77 3.65
C ASN B 840 -3.70 19.00 2.98
N SER B 841 -4.58 18.43 3.81
CA SER B 841 -5.72 17.69 3.28
C SER B 841 -6.66 18.72 2.64
N TYR B 842 -6.55 19.97 3.13
CA TYR B 842 -7.34 21.07 2.63
C TYR B 842 -6.85 21.42 1.22
N ALA B 843 -7.69 21.14 0.23
CA ALA B 843 -7.36 21.39 -1.17
C ALA B 843 -6.66 22.72 -1.46
N PRO B 844 -7.30 23.85 -1.13
CA PRO B 844 -6.67 25.15 -1.40
C PRO B 844 -5.19 25.19 -1.05
N ILE B 845 -4.84 24.66 0.11
CA ILE B 845 -3.45 24.63 0.57
C ILE B 845 -2.63 23.67 -0.30
N SER B 846 -3.23 22.52 -0.62
CA SER B 846 -2.57 21.51 -1.43
C SER B 846 -2.29 22.07 -2.83
N LEU B 847 -3.24 22.81 -3.37
CA LEU B 847 -3.11 23.41 -4.69
C LEU B 847 -2.02 24.46 -4.73
N GLU B 848 -1.91 25.26 -3.68
CA GLU B 848 -0.88 26.31 -3.61
C GLU B 848 0.51 25.67 -3.61
N LYS B 849 0.65 24.57 -2.88
CA LYS B 849 1.93 23.88 -2.78
C LYS B 849 2.39 23.30 -4.12
N ARG B 850 1.44 22.72 -4.86
CA ARG B 850 1.77 22.12 -6.14
C ARG B 850 2.20 23.13 -7.18
N ARG B 851 1.54 24.29 -7.20
CA ARG B 851 1.88 25.32 -8.16
C ARG B 851 3.30 25.81 -7.89
N ALA B 852 3.62 25.94 -6.60
CA ALA B 852 4.94 26.38 -6.18
C ALA B 852 5.99 25.36 -6.58
N GLN B 853 5.66 24.08 -6.41
CA GLN B 853 6.57 23.00 -6.75
C GLN B 853 6.86 22.95 -8.23
N ILE B 854 5.84 23.14 -9.06
CA ILE B 854 6.03 23.10 -10.51
C ILE B 854 6.90 24.25 -11.01
N SER B 855 6.68 25.45 -10.48
CA SER B 855 7.46 26.60 -10.90
C SER B 855 8.93 26.45 -10.50
N ALA B 856 9.14 25.95 -9.28
CA ALA B 856 10.50 25.75 -8.78
C ALA B 856 11.14 24.67 -9.62
N LEU B 857 10.37 23.63 -9.91
CA LEU B 857 10.83 22.52 -10.72
C LEU B 857 11.13 22.93 -12.15
N LEU B 858 10.29 23.78 -12.73
CA LEU B 858 10.50 24.20 -14.12
C LEU B 858 11.81 24.97 -14.24
N THR B 859 12.07 25.84 -13.28
CA THR B 859 13.32 26.60 -13.25
C THR B 859 14.54 25.72 -13.02
N MET B 860 14.39 24.74 -12.13
CA MET B 860 15.46 23.82 -11.76
C MET B 860 15.91 22.94 -12.91
N LEU B 861 14.96 22.43 -13.68
CA LEU B 861 15.28 21.60 -14.84
C LEU B 861 16.00 22.48 -15.86
N GLN B 862 15.53 23.71 -16.00
CA GLN B 862 16.11 24.68 -16.93
C GLN B 862 17.60 24.98 -16.68
N LYS B 863 17.99 25.11 -15.41
CA LYS B 863 19.38 25.41 -15.06
C LYS B 863 19.66 25.25 -13.57
N PRO B 864 19.94 24.03 -13.11
CA PRO B 864 20.23 23.70 -11.70
C PRO B 864 20.94 24.78 -10.88
N VAL B 865 20.20 25.33 -9.92
CA VAL B 865 20.66 26.39 -9.03
C VAL B 865 21.82 25.99 -8.12
N THR B 866 22.15 26.86 -7.18
CA THR B 866 23.22 26.64 -6.21
C THR B 866 22.58 26.10 -4.92
N PHE B 867 23.39 25.97 -3.87
CA PHE B 867 22.89 25.48 -2.59
C PHE B 867 23.99 25.50 -1.54
N LYS B 868 23.66 26.01 -0.36
CA LYS B 868 24.63 26.08 0.73
C LYS B 868 24.88 24.69 1.34
N SER B 869 24.14 23.71 0.85
CA SER B 869 24.25 22.33 1.32
C SER B 869 24.22 22.26 2.84
N SER B 870 25.37 21.95 3.44
CA SER B 870 25.51 21.85 4.88
C SER B 870 24.52 20.89 5.54
N LYS B 871 23.82 20.11 4.73
CA LYS B 871 22.86 19.14 5.26
C LYS B 871 23.26 17.73 4.87
N ILE B 872 23.55 16.90 5.87
CA ILE B 872 23.96 15.53 5.63
C ILE B 872 22.80 14.55 5.46
N THR B 873 22.97 13.63 4.52
CA THR B 873 21.97 12.62 4.24
C THR B 873 22.60 11.23 4.26
N ILE B 874 21.77 10.24 3.98
CA ILE B 874 22.16 8.84 3.93
C ILE B 874 23.19 8.60 2.82
N ASN B 875 22.98 9.27 1.70
CA ASN B 875 23.84 9.13 0.54
C ASN B 875 25.25 9.60 0.88
N ASP B 876 25.37 10.68 1.65
CA ASP B 876 26.70 11.17 2.01
C ASP B 876 27.45 10.16 2.88
N ILE B 877 26.75 9.52 3.81
CA ILE B 877 27.40 8.54 4.68
C ILE B 877 27.91 7.38 3.85
N LEU B 878 27.10 6.92 2.90
CA LEU B 878 27.45 5.80 2.03
C LEU B 878 28.61 6.13 1.10
N ARG B 879 28.59 7.36 0.61
CA ARG B 879 29.62 7.84 -0.31
C ARG B 879 30.98 7.86 0.41
N ASP B 880 30.97 8.23 1.69
CA ASP B 880 32.20 8.29 2.49
C ASP B 880 32.80 6.88 2.64
N ILE B 881 31.95 5.89 2.88
CA ILE B 881 32.40 4.52 3.09
C ILE B 881 32.90 3.81 1.84
N LYS B 882 32.11 3.85 0.77
CA LYS B 882 32.44 3.15 -0.47
C LYS B 882 33.91 2.91 -0.79
N PRO B 883 34.72 3.98 -0.90
CA PRO B 883 36.15 3.88 -1.21
C PRO B 883 37.03 2.96 -0.33
N PHE B 884 36.50 2.50 0.80
CA PHE B 884 37.27 1.67 1.70
C PHE B 884 36.90 0.20 1.70
N PHE B 885 36.46 -0.30 0.55
CA PHE B 885 36.09 -1.70 0.40
C PHE B 885 36.73 -2.32 -0.84
N THR B 886 37.19 -3.55 -0.69
CA THR B 886 37.80 -4.25 -1.82
C THR B 886 36.93 -5.44 -2.20
N VAL B 887 36.48 -5.45 -3.45
CA VAL B 887 35.63 -6.52 -3.95
C VAL B 887 36.45 -7.68 -4.49
N SER B 888 35.83 -8.86 -4.53
CA SER B 888 36.47 -10.07 -5.03
C SER B 888 35.41 -11.14 -5.27
N ASP B 889 35.37 -11.70 -6.47
CA ASP B 889 34.39 -12.72 -6.79
C ASP B 889 34.37 -13.79 -5.73
N ALA B 890 33.16 -14.16 -5.30
CA ALA B 890 32.97 -15.18 -4.29
C ALA B 890 31.91 -16.14 -4.78
N HIS B 891 31.64 -17.18 -4.01
CA HIS B 891 30.63 -18.15 -4.41
C HIS B 891 29.75 -18.63 -3.28
N LEU B 892 28.44 -18.61 -3.52
CA LEU B 892 27.46 -19.03 -2.55
C LEU B 892 26.53 -20.08 -3.20
N PRO B 893 26.55 -21.30 -2.69
CA PRO B 893 25.68 -22.34 -3.26
C PRO B 893 24.23 -22.11 -2.87
N ILE B 894 23.31 -22.54 -3.74
CA ILE B 894 21.90 -22.42 -3.44
C ILE B 894 21.59 -23.56 -2.48
N GLN B 895 21.05 -23.24 -1.30
CA GLN B 895 20.74 -24.28 -0.33
C GLN B 895 19.30 -24.30 0.18
N TYR B 896 18.51 -23.27 -0.17
CA TYR B 896 17.13 -23.22 0.29
C TYR B 896 16.15 -23.39 -0.86
N GLN B 897 15.19 -24.28 -0.64
CA GLN B 897 14.17 -24.54 -1.64
C GLN B 897 13.25 -23.33 -1.75
N LYS B 898 12.53 -23.23 -2.87
CA LYS B 898 11.63 -22.12 -3.10
C LYS B 898 10.26 -22.34 -2.45
N PHE B 899 9.81 -21.34 -1.69
CA PHE B 899 8.52 -21.43 -1.02
C PHE B 899 7.56 -20.39 -1.60
N MET B 900 8.12 -19.40 -2.30
CA MET B 900 7.30 -18.36 -2.91
C MET B 900 7.60 -18.43 -4.42
N PRO B 901 6.99 -19.40 -5.12
CA PRO B 901 7.08 -19.70 -6.54
C PRO B 901 6.98 -18.56 -7.56
N THR B 902 6.33 -17.46 -7.20
CA THR B 902 6.12 -16.37 -8.16
C THR B 902 7.27 -15.38 -8.30
N LEU B 903 8.10 -15.30 -7.28
CA LEU B 903 9.22 -14.36 -7.28
C LEU B 903 10.05 -14.44 -8.57
N PRO B 904 10.43 -13.29 -9.15
CA PRO B 904 11.24 -13.33 -10.36
C PRO B 904 12.49 -14.15 -10.06
N ASP B 905 13.25 -14.50 -11.08
CA ASP B 905 14.45 -15.32 -10.88
C ASP B 905 15.57 -14.65 -10.11
N ASN B 906 15.88 -13.39 -10.41
CA ASN B 906 16.97 -12.73 -9.68
C ASN B 906 16.64 -12.58 -8.18
N VAL B 907 15.42 -12.21 -7.85
CA VAL B 907 15.02 -12.06 -6.45
C VAL B 907 15.02 -13.40 -5.72
N GLN B 908 14.51 -14.41 -6.40
CA GLN B 908 14.39 -15.77 -5.86
C GLN B 908 15.74 -16.40 -5.54
N TYR B 909 16.71 -16.12 -6.41
CA TYR B 909 18.05 -16.67 -6.31
C TYR B 909 18.71 -16.19 -5.01
N ILE B 910 18.50 -14.93 -4.63
CA ILE B 910 19.10 -14.40 -3.40
C ILE B 910 18.53 -15.20 -2.22
N ILE B 911 17.24 -15.47 -2.24
CA ILE B 911 16.61 -16.23 -1.17
C ILE B 911 17.15 -17.68 -1.08
N GLN B 912 17.39 -18.32 -2.23
CA GLN B 912 17.88 -19.68 -2.26
C GLN B 912 19.26 -19.74 -1.64
N CYS B 913 20.08 -18.73 -1.92
CA CYS B 913 21.42 -18.64 -1.34
C CYS B 913 21.52 -18.16 0.13
N ILE B 914 21.03 -16.95 0.44
CA ILE B 914 21.11 -16.42 1.82
C ILE B 914 19.93 -16.70 2.73
N GLY B 915 18.77 -17.07 2.18
CA GLY B 915 17.63 -17.34 3.02
C GLY B 915 16.61 -16.21 3.11
N SER B 916 15.66 -16.34 4.04
CA SER B 916 14.61 -15.34 4.20
C SER B 916 14.30 -15.12 5.67
N ARG B 917 13.46 -14.10 5.96
CA ARG B 917 13.09 -13.83 7.35
C ARG B 917 11.58 -13.80 7.53
N THR B 918 11.13 -13.97 8.77
CA THR B 918 9.69 -13.94 9.04
C THR B 918 9.31 -12.77 9.95
N TYR B 919 10.10 -11.71 9.94
CA TYR B 919 9.83 -10.56 10.79
C TYR B 919 10.12 -9.26 10.09
N GLN B 920 9.85 -8.17 10.80
CA GLN B 920 10.07 -6.82 10.28
C GLN B 920 11.11 -6.15 11.17
N ILE B 921 12.14 -5.59 10.54
CA ILE B 921 13.19 -4.93 11.27
C ILE B 921 12.62 -3.67 11.91
N GLU B 922 12.79 -3.55 13.24
CA GLU B 922 12.30 -2.38 13.97
C GLU B 922 12.90 -1.10 13.40
N ASP B 923 12.06 -0.27 12.79
CA ASP B 923 12.52 0.97 12.16
C ASP B 923 11.84 2.23 12.73
N ASP B 924 11.30 2.10 13.94
CA ASP B 924 10.63 3.23 14.59
C ASP B 924 11.31 3.58 15.93
N GLY B 925 12.04 2.61 16.48
CA GLY B 925 12.73 2.81 17.75
C GLY B 925 11.82 2.60 18.93
N SER B 926 10.68 1.96 18.70
CA SER B 926 9.71 1.72 19.76
C SER B 926 10.21 0.70 20.79
N LYS B 927 11.29 0.00 20.46
CA LYS B 927 11.84 -1.01 21.35
C LYS B 927 12.99 -0.51 22.21
N SER B 928 13.17 0.81 22.24
CA SER B 928 14.22 1.42 23.05
C SER B 928 13.68 1.67 24.46
N ALA B 929 14.57 1.75 25.45
CA ALA B 929 14.18 1.99 26.83
C ALA B 929 13.57 3.38 27.02
N ILE B 930 14.13 4.39 26.37
CA ILE B 930 13.61 5.74 26.52
C ILE B 930 12.19 5.83 26.01
N SER B 931 11.92 5.20 24.87
CA SER B 931 10.60 5.22 24.27
C SER B 931 9.64 4.51 25.20
N ARG B 932 10.08 3.42 25.81
CA ARG B 932 9.26 2.67 26.74
C ARG B 932 8.97 3.50 27.97
N LEU B 933 9.99 4.23 28.43
CA LEU B 933 9.87 5.07 29.62
C LEU B 933 8.89 6.21 29.41
N ILE B 934 8.95 6.82 28.23
CA ILE B 934 8.05 7.91 27.86
C ILE B 934 6.61 7.40 27.83
N SER B 935 6.46 6.19 27.32
CA SER B 935 5.17 5.50 27.19
C SER B 935 4.54 5.23 28.55
N LYS B 936 5.36 4.84 29.53
CA LYS B 936 4.84 4.50 30.85
C LYS B 936 4.20 5.73 31.51
N TYR B 937 4.81 6.89 31.34
CA TYR B 937 4.28 8.11 31.97
C TYR B 937 3.61 9.13 31.05
N SER B 938 3.94 9.11 29.75
CA SER B 938 3.33 10.08 28.83
C SER B 938 2.50 9.46 27.68
N VAL B 939 1.48 10.19 27.26
CA VAL B 939 0.59 9.75 26.19
C VAL B 939 1.24 10.21 24.88
N TYR B 940 2.30 11.00 25.01
CA TYR B 940 3.01 11.51 23.85
C TYR B 940 3.73 10.36 23.12
N LYS B 941 3.86 10.51 21.81
CA LYS B 941 4.53 9.52 20.97
C LYS B 941 5.55 10.17 20.07
N PRO B 942 6.83 10.14 20.48
CA PRO B 942 7.88 10.75 19.66
C PRO B 942 8.21 9.84 18.47
N SER B 943 8.52 10.45 17.32
CA SER B 943 8.84 9.67 16.14
C SER B 943 10.27 9.14 16.25
N ILE B 944 10.66 8.33 15.27
CA ILE B 944 12.00 7.76 15.26
C ILE B 944 12.99 8.90 15.11
N GLU B 945 12.65 9.88 14.27
CA GLU B 945 13.51 11.03 14.05
C GLU B 945 13.68 11.92 15.29
N GLU B 946 12.58 12.17 16.02
CA GLU B 946 12.65 12.99 17.23
C GLU B 946 13.45 12.29 18.31
N LEU B 947 13.27 10.98 18.42
CA LEU B 947 13.99 10.18 19.40
C LEU B 947 15.46 10.24 19.04
N TYR B 948 15.74 10.21 17.74
CA TYR B 948 17.10 10.23 17.25
C TYR B 948 17.80 11.54 17.62
N LYS B 949 17.12 12.67 17.47
CA LYS B 949 17.72 13.94 17.88
C LYS B 949 17.94 14.03 19.40
N VAL B 950 16.92 13.56 20.13
CA VAL B 950 16.90 13.58 21.59
C VAL B 950 17.94 12.73 22.28
N ILE B 951 18.16 11.52 21.78
CA ILE B 951 19.12 10.61 22.38
C ILE B 951 20.52 11.21 22.28
N SER B 952 20.82 11.83 21.14
CA SER B 952 22.11 12.45 20.91
C SER B 952 22.34 13.80 21.63
N LEU B 953 21.41 14.21 22.49
CA LEU B 953 21.56 15.47 23.22
C LEU B 953 22.40 15.29 24.49
N HIS B 954 22.83 16.41 25.07
CA HIS B 954 23.64 16.38 26.30
C HIS B 954 22.84 15.79 27.46
N GLU B 955 23.47 14.91 28.23
CA GLU B 955 22.82 14.25 29.36
C GLU B 955 21.82 15.10 30.12
N ASN B 956 22.19 16.34 30.40
CA ASN B 956 21.33 17.24 31.16
C ASN B 956 20.04 17.56 30.40
N GLU B 957 20.16 17.76 29.09
CA GLU B 957 19.01 18.08 28.24
C GLU B 957 17.99 16.94 28.20
N ILE B 958 18.49 15.70 28.15
CA ILE B 958 17.63 14.53 28.09
C ILE B 958 16.80 14.43 29.35
N GLN B 959 17.41 14.73 30.48
CA GLN B 959 16.73 14.63 31.77
C GLN B 959 15.56 15.62 31.80
N LEU B 960 15.77 16.82 31.26
CA LEU B 960 14.73 17.83 31.21
C LEU B 960 13.58 17.42 30.32
N TYR B 961 13.92 16.82 29.17
CA TYR B 961 12.91 16.39 28.22
C TYR B 961 12.03 15.28 28.83
N LEU B 962 12.63 14.32 29.52
CA LEU B 962 11.84 13.26 30.12
C LEU B 962 10.92 13.81 31.20
N ILE B 963 11.45 14.70 32.02
CA ILE B 963 10.67 15.31 33.10
C ILE B 963 9.57 16.21 32.53
N SER B 964 9.92 16.96 31.49
CA SER B 964 8.96 17.86 30.86
C SER B 964 7.75 17.11 30.36
N LEU B 965 7.92 15.83 30.06
CA LEU B 965 6.82 15.01 29.55
C LEU B 965 6.08 14.27 30.65
N GLY B 966 6.48 14.49 31.90
CA GLY B 966 5.81 13.84 33.01
C GLY B 966 6.54 12.68 33.63
N ILE B 967 7.74 12.43 33.15
CA ILE B 967 8.55 11.34 33.68
C ILE B 967 9.14 11.76 35.01
N PRO B 968 8.88 10.96 36.08
CA PRO B 968 9.40 11.26 37.42
C PRO B 968 10.91 11.35 37.50
N LYS B 969 11.41 12.12 38.46
CA LYS B 969 12.85 12.35 38.64
C LYS B 969 13.71 11.15 39.00
N ILE B 970 13.22 10.27 39.86
CA ILE B 970 14.07 9.14 40.20
C ILE B 970 14.26 8.35 38.92
N ASP B 971 13.18 8.18 38.15
CA ASP B 971 13.26 7.48 36.89
C ASP B 971 14.08 8.20 35.81
N ALA B 972 13.90 9.52 35.71
CA ALA B 972 14.63 10.29 34.69
C ALA B 972 16.12 10.26 34.97
N ASP B 973 16.46 10.42 36.24
CA ASP B 973 17.85 10.41 36.68
C ASP B 973 18.53 9.07 36.51
N THR B 974 17.80 8.01 36.83
CA THR B 974 18.37 6.67 36.74
C THR B 974 18.75 6.33 35.30
N TYR B 975 17.86 6.68 34.37
CA TYR B 975 18.11 6.42 32.96
C TYR B 975 19.25 7.21 32.29
N VAL B 976 19.36 8.50 32.59
CA VAL B 976 20.35 9.37 31.93
C VAL B 976 21.81 9.03 32.18
N GLY B 977 22.07 7.99 32.96
CA GLY B 977 23.44 7.61 33.22
C GLY B 977 23.64 6.16 32.88
N SER B 978 22.69 5.35 33.30
CA SER B 978 22.70 3.90 33.07
C SER B 978 23.27 3.37 31.74
N LYS B 979 23.49 2.06 31.74
CA LYS B 979 23.99 1.28 30.62
C LYS B 979 23.01 1.35 29.46
N ILE B 980 21.73 1.29 29.81
CA ILE B 980 20.63 1.28 28.85
C ILE B 980 20.60 2.55 28.03
N TYR B 981 20.88 3.70 28.65
CA TYR B 981 20.85 4.94 27.88
C TYR B 981 21.94 4.90 26.80
N SER B 982 23.12 4.40 27.16
CA SER B 982 24.19 4.32 26.18
C SER B 982 23.77 3.35 25.09
N ARG B 983 23.16 2.24 25.50
CA ARG B 983 22.68 1.22 24.57
C ARG B 983 21.58 1.76 23.67
N ASP B 984 20.66 2.53 24.24
CA ASP B 984 19.57 3.09 23.44
C ASP B 984 20.14 3.92 22.32
N LYS B 985 21.22 4.63 22.62
CA LYS B 985 21.83 5.48 21.61
C LYS B 985 22.07 4.70 20.31
N TYR B 986 22.69 3.54 20.44
CA TYR B 986 22.98 2.68 19.30
C TYR B 986 21.71 2.14 18.67
N ARG B 987 20.76 1.71 19.50
CA ARG B 987 19.52 1.14 19.02
C ARG B 987 18.65 2.14 18.25
N ILE B 988 18.60 3.38 18.72
CA ILE B 988 17.81 4.40 18.06
C ILE B 988 18.39 4.72 16.69
N LEU B 989 19.71 4.84 16.60
CA LEU B 989 20.37 5.14 15.31
C LEU B 989 20.20 3.98 14.35
N GLU B 990 20.31 2.78 14.90
CA GLU B 990 20.18 1.56 14.11
C GLU B 990 18.77 1.47 13.54
N SER B 991 17.78 1.81 14.36
CA SER B 991 16.39 1.81 13.93
C SER B 991 16.16 2.90 12.86
N TYR B 992 16.75 4.06 13.10
CA TYR B 992 16.61 5.19 12.19
C TYR B 992 17.26 4.93 10.81
N VAL B 993 18.44 4.31 10.82
CA VAL B 993 19.18 4.00 9.59
C VAL B 993 18.45 2.97 8.72
N TYR B 994 17.85 1.97 9.36
CA TYR B 994 17.10 0.92 8.67
C TYR B 994 15.93 1.60 8.01
N ASN B 995 15.36 2.57 8.71
CA ASN B 995 14.23 3.32 8.21
C ASN B 995 14.63 4.11 6.94
N LEU B 996 15.82 4.68 6.93
CA LEU B 996 16.26 5.44 5.76
C LEU B 996 16.69 4.57 4.58
N LEU B 997 16.85 3.27 4.82
CA LEU B 997 17.31 2.38 3.76
C LEU B 997 16.21 1.47 3.19
N SER B 998 14.98 1.71 3.63
CA SER B 998 13.84 0.92 3.14
C SER B 998 14.11 -0.59 3.29
N ILE B 999 14.64 -0.98 4.43
CA ILE B 999 14.95 -2.37 4.67
C ILE B 999 13.70 -3.22 4.89
N ASN B 1000 12.55 -2.57 4.97
CA ASN B 1000 11.28 -3.28 5.18
C ASN B 1000 10.35 -3.27 3.97
N TYR B 1001 10.74 -2.57 2.92
CA TYR B 1001 9.91 -2.48 1.73
C TYR B 1001 10.46 -3.25 0.53
N GLY B 1002 9.77 -3.10 -0.59
CA GLY B 1002 10.15 -3.76 -1.83
C GLY B 1002 10.68 -5.16 -1.70
N CYS B 1003 11.85 -5.37 -2.30
CA CYS B 1003 12.52 -6.66 -2.32
C CYS B 1003 13.23 -7.03 -1.03
N TYR B 1004 13.94 -6.07 -0.44
CA TYR B 1004 14.69 -6.30 0.79
C TYR B 1004 13.91 -6.89 1.96
N GLN B 1005 12.67 -6.47 2.15
CA GLN B 1005 11.89 -6.99 3.27
C GLN B 1005 11.90 -8.51 3.32
N LEU B 1006 12.25 -9.15 2.20
CA LEU B 1006 12.28 -10.60 2.08
C LEU B 1006 13.59 -11.23 2.57
N PHE B 1007 14.73 -10.65 2.16
CA PHE B 1007 16.07 -11.12 2.51
C PHE B 1007 16.42 -11.16 3.99
N ASP B 1008 17.11 -12.23 4.39
CA ASP B 1008 17.55 -12.39 5.75
C ASP B 1008 18.89 -11.66 5.88
N PHE B 1009 18.85 -10.45 6.43
CA PHE B 1009 20.05 -9.63 6.59
C PHE B 1009 21.01 -10.13 7.68
N ASN B 1010 20.67 -11.25 8.32
CA ASN B 1010 21.55 -11.81 9.33
C ASN B 1010 21.82 -13.27 8.96
N SER B 1011 21.94 -13.50 7.66
CA SER B 1011 22.23 -14.83 7.13
C SER B 1011 23.69 -15.15 7.38
N PRO B 1012 23.97 -16.37 7.84
CA PRO B 1012 25.33 -16.82 8.11
C PRO B 1012 26.09 -16.85 6.79
N ASP B 1013 25.40 -17.28 5.74
CA ASP B 1013 25.97 -17.36 4.40
C ASP B 1013 26.32 -15.96 3.89
N LEU B 1014 25.44 -15.00 4.14
CA LEU B 1014 25.64 -13.60 3.74
C LEU B 1014 26.82 -12.99 4.49
N GLU B 1015 26.91 -13.34 5.76
CA GLU B 1015 27.90 -12.86 6.71
C GLU B 1015 29.31 -13.24 6.29
N LYS B 1016 29.47 -14.44 5.76
CA LYS B 1016 30.79 -14.92 5.36
C LYS B 1016 31.29 -14.01 4.24
N LEU B 1017 30.43 -13.59 3.33
CA LEU B 1017 30.89 -12.71 2.26
C LEU B 1017 31.34 -11.33 2.76
N ILE B 1018 31.16 -11.04 4.05
CA ILE B 1018 31.55 -9.75 4.59
C ILE B 1018 32.71 -9.88 5.58
N ARG B 1019 33.89 -9.39 5.18
CA ARG B 1019 35.08 -9.48 6.04
C ARG B 1019 35.43 -8.09 6.57
N ILE B 1020 34.98 -7.79 7.78
CA ILE B 1020 35.23 -6.49 8.37
C ILE B 1020 36.07 -6.52 9.64
N PRO B 1021 37.38 -6.23 9.51
CA PRO B 1021 38.34 -6.20 10.63
C PRO B 1021 38.09 -4.98 11.54
N PHE B 1022 37.91 -5.23 12.83
CA PHE B 1022 37.66 -4.14 13.77
C PHE B 1022 38.97 -3.40 14.05
N LYS B 1023 38.96 -2.10 13.81
CA LYS B 1023 40.13 -1.26 14.03
C LYS B 1023 39.84 -0.23 15.12
N GLY B 1024 39.10 -0.67 16.13
CA GLY B 1024 38.75 0.21 17.23
C GLY B 1024 37.68 -0.41 18.11
N LYS B 1025 36.44 -0.04 17.84
CA LYS B 1025 35.25 -0.53 18.56
C LYS B 1025 34.31 0.63 18.86
N ILE B 1026 33.53 1.01 17.85
CA ILE B 1026 32.57 2.10 17.97
C ILE B 1026 31.30 1.73 17.19
N PRO B 1027 30.39 0.98 17.85
CA PRO B 1027 29.10 0.46 17.38
C PRO B 1027 28.46 1.08 16.14
N ALA B 1028 28.28 2.40 16.15
CA ALA B 1028 27.67 3.09 15.01
C ALA B 1028 28.42 2.82 13.71
N VAL B 1029 29.73 3.01 13.74
CA VAL B 1029 30.54 2.78 12.55
C VAL B 1029 30.55 1.30 12.14
N THR B 1030 30.59 0.42 13.11
CA THR B 1030 30.62 -1.00 12.80
C THR B 1030 29.31 -1.41 12.12
N PHE B 1031 28.20 -0.88 12.62
CA PHE B 1031 26.90 -1.22 12.06
C PHE B 1031 26.69 -0.73 10.63
N ILE B 1032 27.10 0.48 10.32
CA ILE B 1032 26.94 0.99 8.97
C ILE B 1032 27.81 0.25 7.93
N LEU B 1033 29.04 -0.07 8.31
CA LEU B 1033 29.96 -0.74 7.39
C LEU B 1033 29.45 -2.13 7.03
N HIS B 1034 28.95 -2.87 8.01
CA HIS B 1034 28.40 -4.19 7.76
C HIS B 1034 27.12 -4.09 6.89
N LEU B 1035 26.28 -3.12 7.20
CA LEU B 1035 25.02 -2.92 6.47
C LEU B 1035 25.28 -2.47 5.05
N TYR B 1036 26.24 -1.57 4.88
CA TYR B 1036 26.58 -1.07 3.57
C TYR B 1036 27.10 -2.23 2.74
N ALA B 1037 27.93 -3.07 3.35
CA ALA B 1037 28.50 -4.23 2.68
C ALA B 1037 27.43 -5.25 2.29
N LYS B 1038 26.49 -5.50 3.20
CA LYS B 1038 25.43 -6.48 2.94
C LYS B 1038 24.55 -6.01 1.79
N LEU B 1039 24.22 -4.72 1.76
CA LEU B 1039 23.42 -4.19 0.67
C LEU B 1039 24.14 -4.26 -0.68
N GLU B 1040 25.42 -3.92 -0.68
CA GLU B 1040 26.22 -3.95 -1.89
C GLU B 1040 26.41 -5.35 -2.42
N VAL B 1041 26.65 -6.30 -1.53
CA VAL B 1041 26.83 -7.69 -1.94
C VAL B 1041 25.54 -8.25 -2.51
N ILE B 1042 24.42 -7.95 -1.85
CA ILE B 1042 23.10 -8.41 -2.29
C ILE B 1042 22.68 -7.77 -3.64
N ASN B 1043 22.98 -6.49 -3.82
CA ASN B 1043 22.60 -5.81 -5.03
C ASN B 1043 23.30 -6.41 -6.21
N TYR B 1044 24.57 -6.76 -6.03
CA TYR B 1044 25.37 -7.35 -7.11
C TYR B 1044 24.75 -8.68 -7.49
N ALA B 1045 24.33 -9.44 -6.49
CA ALA B 1045 23.71 -10.73 -6.72
C ALA B 1045 22.39 -10.55 -7.49
N ILE B 1046 21.64 -9.51 -7.14
CA ILE B 1046 20.38 -9.23 -7.81
C ILE B 1046 20.62 -8.86 -9.26
N LYS B 1047 21.67 -8.08 -9.53
CA LYS B 1047 21.96 -7.68 -10.90
C LYS B 1047 22.82 -8.65 -11.71
N ASN B 1048 23.67 -9.45 -11.06
CA ASN B 1048 24.55 -10.36 -11.80
C ASN B 1048 24.34 -11.86 -11.63
N GLY B 1049 23.74 -12.29 -10.53
CA GLY B 1049 23.50 -13.71 -10.39
C GLY B 1049 24.63 -14.42 -9.69
N SER B 1050 25.76 -13.75 -9.57
CA SER B 1050 26.92 -14.32 -8.90
C SER B 1050 27.25 -13.45 -7.69
N TRP B 1051 27.98 -13.99 -6.73
CA TRP B 1051 28.32 -13.22 -5.53
C TRP B 1051 29.73 -12.64 -5.50
N ILE B 1052 29.94 -11.74 -4.54
CA ILE B 1052 31.24 -11.08 -4.34
C ILE B 1052 31.53 -11.02 -2.86
N SER B 1053 32.81 -10.90 -2.53
CA SER B 1053 33.23 -10.83 -1.14
C SER B 1053 33.73 -9.42 -0.88
N LEU B 1054 33.25 -8.81 0.18
CA LEU B 1054 33.68 -7.45 0.50
C LEU B 1054 34.63 -7.38 1.68
N PHE B 1055 35.77 -6.71 1.46
CA PHE B 1055 36.77 -6.54 2.50
C PHE B 1055 36.81 -5.06 2.88
N CYS B 1056 36.88 -4.79 4.19
CA CYS B 1056 36.91 -3.42 4.66
C CYS B 1056 38.24 -3.04 5.30
N ASN B 1057 38.82 -1.95 4.81
CA ASN B 1057 40.08 -1.40 5.32
C ASN B 1057 39.84 0.07 5.67
N TYR B 1058 38.83 0.30 6.51
CA TYR B 1058 38.45 1.64 6.93
C TYR B 1058 39.35 2.08 8.07
N PRO B 1059 40.02 3.23 7.89
CA PRO B 1059 40.94 3.82 8.86
C PRO B 1059 40.30 4.07 10.22
N LYS B 1060 41.13 4.26 11.24
CA LYS B 1060 40.65 4.54 12.60
C LYS B 1060 40.38 6.04 12.77
N SER B 1061 41.21 6.85 12.14
CA SER B 1061 41.08 8.31 12.18
C SER B 1061 39.77 8.68 11.50
N GLU B 1062 39.50 7.95 10.42
CA GLU B 1062 38.30 8.12 9.61
C GLU B 1062 37.00 7.80 10.34
N MET B 1063 37.03 6.77 11.17
CA MET B 1063 35.84 6.34 11.88
C MET B 1063 35.31 7.40 12.82
N ILE B 1064 36.19 8.13 13.51
CA ILE B 1064 35.71 9.17 14.41
C ILE B 1064 34.98 10.27 13.61
N LYS B 1065 35.50 10.62 12.43
CA LYS B 1065 34.88 11.65 11.57
C LYS B 1065 33.49 11.17 11.12
N LEU B 1066 33.42 9.89 10.76
CA LEU B 1066 32.19 9.25 10.29
C LEU B 1066 31.11 9.21 11.34
N TRP B 1067 31.49 8.95 12.58
CA TRP B 1067 30.56 8.84 13.69
C TRP B 1067 29.85 10.17 13.90
N LYS B 1068 30.59 11.27 13.78
CA LYS B 1068 30.01 12.60 13.93
C LYS B 1068 28.96 12.84 12.83
N LYS B 1069 29.29 12.39 11.62
CA LYS B 1069 28.48 12.52 10.44
C LYS B 1069 27.17 11.76 10.62
N MET B 1070 27.25 10.61 11.25
CA MET B 1070 26.10 9.74 11.43
C MET B 1070 25.01 10.38 12.27
N TRP B 1071 25.36 11.11 13.32
CA TRP B 1071 24.34 11.74 14.16
C TRP B 1071 23.75 13.05 13.61
N ASN B 1072 23.91 13.30 12.31
CA ASN B 1072 23.38 14.51 11.69
C ASN B 1072 22.75 14.22 10.32
N ILE B 1073 22.18 13.04 10.17
CA ILE B 1073 21.57 12.65 8.92
C ILE B 1073 20.18 13.24 8.76
N THR B 1074 19.88 13.71 7.56
CA THR B 1074 18.59 14.30 7.27
C THR B 1074 17.75 13.32 6.45
N SER B 1075 16.51 13.10 6.87
CA SER B 1075 15.62 12.19 6.16
C SER B 1075 15.16 12.83 4.85
N LEU B 1076 15.01 12.00 3.83
CA LEU B 1076 14.56 12.48 2.52
C LEU B 1076 13.10 12.10 2.27
N ARG B 1077 12.33 13.08 1.80
CA ARG B 1077 10.93 12.84 1.51
C ARG B 1077 10.79 12.88 -0.02
N SER B 1078 10.04 11.93 -0.59
CA SER B 1078 9.86 11.93 -2.05
C SER B 1078 8.72 11.03 -2.46
N PRO B 1079 8.25 11.18 -3.72
CA PRO B 1079 7.16 10.36 -4.26
C PRO B 1079 7.47 8.87 -4.10
N TYR B 1080 8.74 8.52 -4.29
CA TYR B 1080 9.18 7.14 -4.15
C TYR B 1080 9.02 6.69 -2.69
N THR B 1081 9.38 7.56 -1.76
CA THR B 1081 9.27 7.30 -0.32
C THR B 1081 7.81 7.20 0.10
N ASN B 1082 7.02 8.11 -0.45
CA ASN B 1082 5.60 8.20 -0.19
C ASN B 1082 4.87 6.97 -0.71
N ALA B 1083 5.30 6.48 -1.88
CA ALA B 1083 4.68 5.33 -2.52
C ALA B 1083 4.85 4.07 -1.66
N ASN B 1084 6.02 3.87 -1.06
CA ASN B 1084 6.23 2.69 -0.20
C ASN B 1084 5.32 2.74 1.02
N PHE B 1085 5.17 3.94 1.60
CA PHE B 1085 4.31 4.22 2.76
C PHE B 1085 2.86 3.94 2.40
N PHE B 1086 2.53 4.31 1.18
CA PHE B 1086 1.24 4.21 0.55
C PHE B 1086 0.80 2.75 0.42
N GLN B 1087 1.74 1.86 0.11
CA GLN B 1087 1.41 0.46 -0.11
C GLN B 1087 0.81 -0.22 1.11
N GLU B 1088 1.33 0.05 2.31
CA GLU B 1088 0.72 -0.59 3.48
C GLU B 1088 1.02 0.14 4.78
#